data_6BQJ
#
_entry.id   6BQJ
#
_cell.length_a   88.440
_cell.length_b   57.470
_cell.length_c   89.830
_cell.angle_alpha   90.00
_cell.angle_beta   115.00
_cell.angle_gamma   90.00
#
_symmetry.space_group_name_H-M   'P 1 21 1'
#
loop_
_entity.id
_entity.type
_entity.pdbx_description
1 polymer 'NS3 protease'
2 non-polymer N-(tert-butoxycarbonyl)-3-methyl-L-valyl-(4R)-N-{(2S)-1-[(cyclopropylsulfonyl)amino]-4,4-difluoro-1-oxobutan-2-yl}-4-[(7-methoxy-2-phenylquinolin-4-yl)oxy]-L-prolinamide
3 non-polymer 'ZINC ION'
4 non-polymer 'CHLORIDE ION'
5 non-polymer 'ACETATE ION'
6 water water
#
_entity_poly.entity_id   1
_entity_poly.type   'polypeptide(L)'
_entity_poly.pdbx_seq_one_letter_code
;MKKKGSVVIVGRINLSGDTAYAQQTRGEEGCQETSQTGRDKNQVEGEVQIVSTATQTFLATSINGVLWTVYHGAGTRTIA
SPKGPVTQMYTNVDKDLVGWQAPQGSRSLTPCTCGSSDLYLVTRHADVIPVRRRGDSRGSLLSPRPISYLKGSSGGPLLC
PAGHAVGIFRAAVCTRGVAKAVDFIPVESLETTMRSPAIRAPSTSLRPHSSTTTTTTEI
;
_entity_poly.pdbx_strand_id   A,B,C
#
loop_
_chem_comp.id
_chem_comp.type
_chem_comp.name
_chem_comp.formula
ACT non-polymer 'ACETATE ION' 'C2 H3 O2 -1'
CL non-polymer 'CHLORIDE ION' 'Cl -1'
Z1B non-polymer N-(tert-butoxycarbonyl)-3-methyl-L-valyl-(4R)-N-{(2S)-1-[(cyclopropylsulfonyl)amino]-4,4-difluoro-1-oxobutan-2-yl}-4-[(7-methoxy-2-phenylquinolin-4-yl)oxy]-L-prolinamide 'C39 H49 F2 N5 O9 S'
ZN non-polymer 'ZINC ION' 'Zn 2'
#
# COMPACT_ATOMS: atom_id res chain seq x y z
N LYS A 4 -3.00 -38.80 25.65
CA LYS A 4 -1.60 -39.02 25.30
C LYS A 4 -1.41 -39.43 23.82
N GLY A 5 -0.15 -39.60 23.44
CA GLY A 5 0.31 -39.83 22.08
C GLY A 5 1.09 -38.59 21.67
N SER A 6 2.19 -38.79 20.94
CA SER A 6 3.03 -37.68 20.50
C SER A 6 2.57 -37.14 19.16
N VAL A 7 2.89 -35.84 18.93
CA VAL A 7 2.72 -35.25 17.60
C VAL A 7 3.80 -35.95 16.74
N VAL A 8 3.50 -36.22 15.47
CA VAL A 8 4.44 -36.88 14.57
C VAL A 8 4.66 -36.06 13.31
N ILE A 9 5.94 -35.93 12.89
CA ILE A 9 6.27 -35.31 11.60
C ILE A 9 5.90 -36.33 10.50
N VAL A 10 5.02 -35.94 9.58
CA VAL A 10 4.54 -36.84 8.50
C VAL A 10 5.01 -36.39 7.14
N GLY A 11 5.63 -35.25 7.11
CA GLY A 11 6.10 -34.68 5.86
C GLY A 11 6.80 -33.37 6.10
N ARG A 12 7.21 -32.72 5.02
CA ARG A 12 7.92 -31.45 5.15
C ARG A 12 7.74 -30.62 3.91
N ILE A 13 8.00 -29.32 4.03
CA ILE A 13 7.92 -28.43 2.88
C ILE A 13 9.30 -27.86 2.68
N ASN A 14 9.81 -28.00 1.44
CA ASN A 14 11.11 -27.47 1.03
C ASN A 14 10.88 -26.23 0.22
N LEU A 15 11.55 -25.15 0.60
CA LEU A 15 11.41 -23.85 -0.04
C LEU A 15 12.59 -23.60 -0.99
N SER A 16 13.79 -24.09 -0.58
CA SER A 16 15.13 -24.06 -1.23
C SER A 16 15.26 -23.21 -2.52
N GLY A 17 14.58 -23.60 -3.59
CA GLY A 17 14.69 -22.90 -4.87
C GLY A 17 13.43 -22.42 -5.55
N ASP A 18 13.05 -21.14 -5.28
CA ASP A 18 11.99 -20.29 -5.86
C ASP A 18 10.57 -20.83 -5.75
N THR A 19 10.41 -22.15 -5.73
CA THR A 19 9.12 -22.84 -5.65
C THR A 19 9.15 -23.85 -4.50
N ALA A 20 8.12 -23.75 -3.63
CA ALA A 20 7.98 -24.67 -2.51
C ALA A 20 7.42 -25.99 -2.99
N TYR A 21 7.85 -27.07 -2.32
CA TYR A 21 7.26 -28.36 -2.60
C TYR A 21 7.08 -29.16 -1.32
N ALA A 22 5.98 -29.87 -1.24
CA ALA A 22 5.65 -30.71 -0.09
C ALA A 22 6.10 -32.15 -0.36
N GLN A 23 6.65 -32.79 0.66
CA GLN A 23 7.13 -34.17 0.56
C GLN A 23 6.55 -34.94 1.73
N GLN A 24 5.81 -36.04 1.45
CA GLN A 24 5.24 -36.88 2.52
C GLN A 24 6.33 -37.89 2.92
N THR A 25 6.51 -38.09 4.22
CA THR A 25 7.52 -39.04 4.74
C THR A 25 6.91 -40.20 5.50
N ARG A 26 5.65 -40.05 5.98
CA ARG A 26 4.97 -41.13 6.71
C ARG A 26 3.53 -41.23 6.32
N GLY A 27 3.04 -42.47 6.19
CA GLY A 27 1.63 -42.77 5.97
C GLY A 27 0.91 -42.89 7.30
N GLU A 28 -0.41 -43.14 7.27
CA GLU A 28 -1.25 -43.20 8.45
C GLU A 28 -0.79 -44.24 9.48
N GLU A 29 -0.47 -45.46 9.02
CA GLU A 29 -0.07 -46.57 9.92
C GLU A 29 1.23 -46.28 10.68
N GLY A 30 2.26 -45.87 9.94
CA GLY A 30 3.55 -45.48 10.50
C GLY A 30 3.39 -44.30 11.45
N CYS A 31 2.51 -43.34 11.08
CA CYS A 31 2.20 -42.20 11.94
C CYS A 31 1.64 -42.68 13.28
N GLN A 32 0.59 -43.54 13.25
CA GLN A 32 -0.02 -44.04 14.51
C GLN A 32 1.01 -44.75 15.40
N GLU A 33 1.85 -45.61 14.77
CA GLU A 33 2.90 -46.33 15.52
C GLU A 33 3.85 -45.35 16.18
N THR A 34 4.32 -44.33 15.40
CA THR A 34 5.27 -43.33 15.90
C THR A 34 4.66 -42.49 17.01
N SER A 35 3.36 -42.19 16.90
CA SER A 35 2.69 -41.39 17.93
C SER A 35 2.71 -42.11 19.29
N GLN A 36 2.55 -43.43 19.25
CA GLN A 36 2.51 -44.24 20.47
C GLN A 36 3.88 -44.32 21.16
N THR A 37 4.96 -44.54 20.40
CA THR A 37 6.29 -44.69 21.02
C THR A 37 6.96 -43.34 21.32
N GLY A 38 6.70 -42.36 20.47
CA GLY A 38 7.36 -41.07 20.55
C GLY A 38 8.77 -41.15 19.96
N ARG A 39 9.14 -42.28 19.30
CA ARG A 39 10.46 -42.49 18.73
C ARG A 39 10.39 -42.40 17.22
N ASP A 40 11.02 -41.38 16.66
CA ASP A 40 11.01 -41.17 15.21
C ASP A 40 12.44 -41.04 14.76
N LYS A 41 12.95 -42.07 14.05
CA LYS A 41 14.33 -42.13 13.58
C LYS A 41 14.64 -41.19 12.42
N ASN A 42 13.62 -40.63 11.73
CA ASN A 42 13.85 -39.74 10.58
C ASN A 42 14.53 -38.44 10.96
N GLN A 43 15.56 -38.04 10.20
CA GLN A 43 16.23 -36.78 10.45
C GLN A 43 15.26 -35.69 10.01
N VAL A 44 15.29 -34.53 10.70
CA VAL A 44 14.42 -33.39 10.34
C VAL A 44 15.10 -32.60 9.20
N GLU A 45 14.42 -32.38 8.08
CA GLU A 45 14.92 -31.58 6.95
C GLU A 45 13.84 -30.56 6.55
N GLY A 46 14.17 -29.64 5.64
CA GLY A 46 13.19 -28.68 5.12
C GLY A 46 12.90 -27.52 6.05
N GLU A 47 12.21 -26.49 5.51
CA GLU A 47 11.96 -25.29 6.31
C GLU A 47 10.71 -25.39 7.20
N VAL A 48 9.77 -26.24 6.82
CA VAL A 48 8.48 -26.35 7.52
C VAL A 48 8.21 -27.84 7.66
N GLN A 49 7.68 -28.25 8.82
CA GLN A 49 7.31 -29.65 9.04
C GLN A 49 5.83 -29.81 8.93
N ILE A 50 5.37 -30.91 8.34
CA ILE A 50 3.94 -31.23 8.29
C ILE A 50 3.81 -32.20 9.43
N VAL A 51 2.91 -31.90 10.37
CA VAL A 51 2.77 -32.70 11.59
C VAL A 51 1.34 -33.20 11.79
N SER A 52 1.19 -34.30 12.54
CA SER A 52 -0.14 -34.84 12.77
C SER A 52 -0.32 -35.33 14.18
N THR A 53 -1.57 -35.29 14.65
CA THR A 53 -2.02 -35.96 15.88
C THR A 53 -2.96 -37.04 15.31
N ALA A 54 -3.64 -37.81 16.17
CA ALA A 54 -4.59 -38.82 15.70
C ALA A 54 -5.77 -38.19 14.93
N THR A 55 -6.10 -36.92 15.23
CA THR A 55 -7.29 -36.28 14.63
C THR A 55 -7.05 -35.07 13.71
N GLN A 56 -5.84 -34.48 13.72
CA GLN A 56 -5.61 -33.28 12.91
C GLN A 56 -4.21 -33.31 12.28
N THR A 57 -4.06 -32.65 11.13
CA THR A 57 -2.77 -32.46 10.50
C THR A 57 -2.61 -30.92 10.37
N PHE A 58 -1.39 -30.44 10.62
CA PHE A 58 -1.13 -28.97 10.61
C PHE A 58 0.37 -28.79 10.37
N LEU A 59 0.91 -27.59 10.61
CA LEU A 59 2.33 -27.36 10.30
C LEU A 59 3.10 -26.93 11.54
N ALA A 60 4.42 -27.03 11.48
CA ALA A 60 5.28 -26.56 12.58
C ALA A 60 6.50 -25.95 11.90
N THR A 61 6.96 -24.82 12.42
CA THR A 61 8.06 -24.09 11.76
C THR A 61 9.17 -23.78 12.75
N SER A 62 10.44 -24.06 12.34
CA SER A 62 11.58 -23.79 13.23
C SER A 62 12.06 -22.34 13.03
N ILE A 63 12.07 -21.56 14.11
CA ILE A 63 12.56 -20.16 14.12
C ILE A 63 13.36 -19.99 15.40
N ASN A 64 14.56 -19.40 15.30
CA ASN A 64 15.40 -19.21 16.50
C ASN A 64 15.72 -20.51 17.23
N GLY A 65 15.84 -21.60 16.49
CA GLY A 65 16.18 -22.91 17.05
C GLY A 65 15.11 -23.59 17.85
N VAL A 66 13.85 -23.12 17.71
CA VAL A 66 12.69 -23.74 18.37
C VAL A 66 11.70 -24.12 17.29
N LEU A 67 11.12 -25.34 17.37
CA LEU A 67 10.09 -25.76 16.41
C LEU A 67 8.74 -25.31 17.00
N TRP A 68 8.12 -24.33 16.36
CA TRP A 68 6.87 -23.74 16.84
C TRP A 68 5.67 -24.29 16.14
N THR A 69 4.54 -24.33 16.86
CA THR A 69 3.27 -24.68 16.26
C THR A 69 2.15 -24.06 17.11
N VAL A 70 0.90 -24.34 16.72
CA VAL A 70 -0.28 -23.84 17.43
C VAL A 70 -0.73 -24.81 18.51
N TYR A 71 -1.14 -24.26 19.63
CA TYR A 71 -1.68 -25.05 20.73
C TYR A 71 -2.98 -25.74 20.30
N HIS A 72 -3.81 -25.08 19.46
CA HIS A 72 -5.09 -25.67 19.06
C HIS A 72 -4.88 -26.96 18.22
N GLY A 73 -3.65 -27.16 17.75
CA GLY A 73 -3.29 -28.39 17.05
C GLY A 73 -2.58 -29.36 17.98
N ALA A 74 -1.49 -28.91 18.61
CA ALA A 74 -0.63 -29.79 19.42
C ALA A 74 -1.07 -30.03 20.87
N GLY A 75 -1.85 -29.11 21.47
CA GLY A 75 -2.16 -29.22 22.89
C GLY A 75 -0.88 -29.18 23.70
N THR A 76 -0.77 -30.01 24.74
CA THR A 76 0.45 -30.06 25.57
C THR A 76 1.30 -31.30 25.15
N ARG A 77 1.04 -31.87 23.96
CA ARG A 77 1.71 -33.08 23.54
C ARG A 77 3.21 -32.96 23.35
N THR A 78 3.91 -34.09 23.54
CA THR A 78 5.32 -34.20 23.18
C THR A 78 5.37 -34.40 21.66
N ILE A 79 6.56 -34.25 21.06
CA ILE A 79 6.76 -34.52 19.65
C ILE A 79 7.73 -35.70 19.55
N ALA A 80 7.45 -36.62 18.61
CA ALA A 80 8.32 -37.80 18.40
C ALA A 80 9.65 -37.36 17.80
N SER A 81 10.77 -37.94 18.26
CA SER A 81 12.09 -37.55 17.76
C SER A 81 13.07 -38.73 17.80
N PRO A 82 14.29 -38.59 17.19
CA PRO A 82 15.27 -39.69 17.23
C PRO A 82 15.72 -40.10 18.63
N LYS A 83 15.55 -39.20 19.62
CA LYS A 83 15.90 -39.45 21.02
C LYS A 83 14.67 -39.74 21.90
N GLY A 84 13.51 -39.99 21.29
CA GLY A 84 12.29 -40.27 22.02
C GLY A 84 11.40 -39.03 22.11
N PRO A 85 10.28 -39.10 22.86
CA PRO A 85 9.36 -37.94 22.88
C PRO A 85 9.98 -36.72 23.55
N VAL A 86 9.79 -35.56 22.91
CA VAL A 86 10.36 -34.29 23.38
C VAL A 86 9.26 -33.46 24.02
N THR A 87 9.43 -33.09 25.30
CA THR A 87 8.46 -32.27 26.03
C THR A 87 8.56 -30.81 25.54
N GLN A 88 7.42 -30.11 25.45
CA GLN A 88 7.42 -28.69 25.04
C GLN A 88 8.29 -27.84 25.96
N MET A 89 9.06 -26.92 25.37
CA MET A 89 9.85 -25.95 26.12
C MET A 89 8.94 -24.72 26.40
N TYR A 90 8.03 -24.42 25.47
CA TYR A 90 7.14 -23.25 25.58
C TYR A 90 5.71 -23.67 25.35
N THR A 91 4.81 -23.12 26.17
CA THR A 91 3.38 -23.44 26.06
C THR A 91 2.64 -22.17 26.49
N ASN A 92 1.88 -21.61 25.58
CA ASN A 92 1.12 -20.39 25.92
C ASN A 92 -0.25 -20.50 25.29
N VAL A 93 -1.23 -20.92 26.08
CA VAL A 93 -2.61 -21.12 25.59
C VAL A 93 -3.20 -19.82 25.01
N ASP A 94 -2.98 -18.68 25.68
CA ASP A 94 -3.51 -17.38 25.25
C ASP A 94 -2.99 -16.94 23.90
N LYS A 95 -1.69 -17.21 23.60
CA LYS A 95 -1.12 -16.86 22.30
C LYS A 95 -1.41 -17.94 21.26
N ASP A 96 -1.91 -19.13 21.70
CA ASP A 96 -2.16 -20.32 20.89
C ASP A 96 -0.80 -20.84 20.37
N LEU A 97 0.19 -20.89 21.28
CA LEU A 97 1.58 -21.17 20.87
C LEU A 97 2.21 -22.30 21.65
N VAL A 98 2.96 -23.15 20.94
CA VAL A 98 3.72 -24.25 21.54
C VAL A 98 5.08 -24.22 20.85
N GLY A 99 6.11 -24.58 21.58
CA GLY A 99 7.45 -24.70 21.01
C GLY A 99 8.22 -25.83 21.64
N TRP A 100 8.95 -26.60 20.81
CA TRP A 100 9.85 -27.66 21.27
C TRP A 100 11.25 -27.19 20.87
N GLN A 101 12.22 -27.31 21.79
CA GLN A 101 13.61 -26.89 21.51
C GLN A 101 14.18 -27.84 20.46
N ALA A 102 14.74 -27.31 19.38
CA ALA A 102 15.30 -28.16 18.32
C ALA A 102 16.79 -28.51 18.70
N PRO A 103 17.40 -29.57 18.14
CA PRO A 103 18.80 -29.88 18.53
C PRO A 103 19.76 -28.74 18.18
N GLN A 104 20.85 -28.62 18.95
CA GLN A 104 21.88 -27.59 18.72
C GLN A 104 22.40 -27.68 17.28
N GLY A 105 22.45 -26.54 16.59
CA GLY A 105 22.95 -26.47 15.22
C GLY A 105 22.02 -26.90 14.11
N SER A 106 20.75 -27.27 14.44
CA SER A 106 19.78 -27.65 13.40
C SER A 106 19.34 -26.38 12.59
N ARG A 107 18.98 -26.56 11.29
CA ARG A 107 18.56 -25.47 10.42
C ARG A 107 17.25 -24.84 10.95
N SER A 108 17.19 -23.50 10.96
CA SER A 108 16.05 -22.80 11.53
C SER A 108 15.95 -21.44 10.84
N LEU A 109 14.75 -20.92 10.71
CA LEU A 109 14.59 -19.58 10.10
C LEU A 109 15.08 -18.50 11.06
N THR A 110 15.48 -17.34 10.51
CA THR A 110 15.90 -16.21 11.33
C THR A 110 14.82 -15.11 11.23
N PRO A 111 14.70 -14.22 12.23
CA PRO A 111 13.61 -13.22 12.20
C PRO A 111 13.79 -12.15 11.14
N CYS A 112 12.66 -11.65 10.64
CA CYS A 112 12.66 -10.55 9.68
C CYS A 112 12.83 -9.23 10.44
N THR A 113 13.74 -8.38 9.97
CA THR A 113 13.98 -7.03 10.54
C THR A 113 13.89 -5.94 9.46
N CYS A 114 13.51 -6.33 8.22
CA CYS A 114 13.51 -5.39 7.08
C CYS A 114 12.29 -4.44 7.02
N GLY A 115 11.23 -4.77 7.76
CA GLY A 115 10.01 -3.97 7.81
C GLY A 115 9.17 -4.05 6.54
N SER A 116 9.43 -5.04 5.67
CA SER A 116 8.63 -5.20 4.44
C SER A 116 7.16 -5.54 4.80
N SER A 117 6.24 -5.01 4.01
CA SER A 117 4.84 -5.36 4.22
C SER A 117 4.39 -6.40 3.20
N ASP A 118 5.34 -6.89 2.37
CA ASP A 118 5.06 -7.91 1.38
C ASP A 118 5.42 -9.26 1.96
N LEU A 119 4.38 -9.99 2.41
CA LEU A 119 4.61 -11.27 3.05
C LEU A 119 4.17 -12.43 2.18
N TYR A 120 4.65 -13.62 2.55
CA TYR A 120 4.30 -14.85 1.82
C TYR A 120 3.93 -15.90 2.83
N LEU A 121 2.72 -16.45 2.70
CA LEU A 121 2.25 -17.49 3.60
C LEU A 121 2.52 -18.81 2.87
N VAL A 122 3.15 -19.77 3.58
CA VAL A 122 3.40 -21.09 2.98
C VAL A 122 2.32 -22.06 3.52
N THR A 123 1.53 -22.66 2.62
CA THR A 123 0.46 -23.57 3.07
C THR A 123 0.98 -25.01 3.15
N ARG A 124 0.16 -25.92 3.72
CA ARG A 124 0.56 -27.33 3.85
C ARG A 124 0.67 -28.04 2.49
N HIS A 125 0.09 -27.42 1.44
CA HIS A 125 0.17 -27.97 0.08
C HIS A 125 1.32 -27.34 -0.68
N ALA A 126 2.17 -26.57 0.03
CA ALA A 126 3.31 -25.84 -0.50
C ALA A 126 2.94 -24.74 -1.49
N ASP A 127 1.71 -24.21 -1.36
CA ASP A 127 1.32 -23.00 -2.11
C ASP A 127 2.02 -21.85 -1.36
N VAL A 128 2.49 -20.84 -2.09
CA VAL A 128 3.15 -19.68 -1.49
C VAL A 128 2.23 -18.51 -1.89
N ILE A 129 1.45 -18.02 -0.93
CA ILE A 129 0.40 -17.02 -1.15
C ILE A 129 0.90 -15.63 -0.76
N PRO A 130 0.72 -14.58 -1.59
CA PRO A 130 1.09 -13.23 -1.12
C PRO A 130 0.10 -12.70 -0.09
N VAL A 131 0.61 -11.91 0.85
CA VAL A 131 -0.17 -11.33 1.92
C VAL A 131 0.37 -9.91 2.14
N ARG A 132 -0.52 -8.93 2.26
CA ARG A 132 -0.10 -7.56 2.55
C ARG A 132 -0.19 -7.38 4.07
N ARG A 133 0.94 -7.09 4.73
CA ARG A 133 0.89 -6.88 6.19
C ARG A 133 0.02 -5.68 6.54
N ARG A 134 -0.82 -5.80 7.59
CA ARG A 134 -1.73 -4.74 7.99
C ARG A 134 -1.49 -4.21 9.40
N GLY A 135 -0.87 -5.00 10.21
CA GLY A 135 -0.54 -4.66 11.58
C GLY A 135 0.46 -5.68 12.09
N ASP A 136 0.77 -5.64 13.38
CA ASP A 136 1.71 -6.60 13.93
C ASP A 136 1.28 -8.06 13.70
N SER A 137 -0.03 -8.34 13.77
CA SER A 137 -0.49 -9.76 13.71
C SER A 137 -1.54 -10.03 12.66
N ARG A 138 -1.68 -9.12 11.67
CA ARG A 138 -2.68 -9.32 10.64
C ARG A 138 -2.13 -9.01 9.28
N GLY A 139 -2.64 -9.71 8.29
CA GLY A 139 -2.29 -9.45 6.89
C GLY A 139 -3.48 -9.72 5.99
N SER A 140 -3.63 -8.95 4.91
CA SER A 140 -4.78 -9.18 4.03
C SER A 140 -4.33 -10.05 2.87
N LEU A 141 -5.16 -11.00 2.47
CA LEU A 141 -4.86 -11.79 1.27
C LEU A 141 -5.09 -10.88 0.05
N LEU A 142 -4.32 -11.11 -1.04
CA LEU A 142 -4.46 -10.35 -2.29
C LEU A 142 -5.58 -10.96 -3.15
N SER A 143 -5.94 -12.22 -2.88
CA SER A 143 -7.08 -12.88 -3.54
C SER A 143 -7.86 -13.58 -2.43
N PRO A 144 -9.20 -13.49 -2.37
CA PRO A 144 -9.91 -14.31 -1.35
C PRO A 144 -9.76 -15.80 -1.67
N ARG A 145 -9.81 -16.66 -0.64
CA ARG A 145 -9.65 -18.09 -0.86
C ARG A 145 -10.78 -18.80 -0.14
N PRO A 146 -11.26 -19.95 -0.64
CA PRO A 146 -12.23 -20.73 0.16
C PRO A 146 -11.48 -21.15 1.45
N ILE A 147 -12.17 -21.16 2.59
CA ILE A 147 -11.51 -21.49 3.87
C ILE A 147 -10.80 -22.88 3.85
N SER A 148 -11.35 -23.86 3.09
CA SER A 148 -10.77 -25.21 2.97
C SER A 148 -9.30 -25.16 2.47
N TYR A 149 -8.94 -24.13 1.67
CA TYR A 149 -7.60 -23.93 1.13
C TYR A 149 -6.57 -23.73 2.25
N LEU A 150 -7.01 -23.10 3.39
CA LEU A 150 -6.08 -22.80 4.50
C LEU A 150 -6.16 -23.80 5.64
N LYS A 151 -7.22 -24.65 5.66
CA LYS A 151 -7.37 -25.68 6.71
C LYS A 151 -6.12 -26.58 6.74
N GLY A 152 -5.58 -26.76 7.92
CA GLY A 152 -4.39 -27.57 8.10
C GLY A 152 -3.09 -26.83 7.91
N SER A 153 -3.14 -25.46 7.69
CA SER A 153 -1.91 -24.69 7.50
C SER A 153 -1.50 -23.90 8.75
N SER A 154 -2.30 -23.96 9.83
CA SER A 154 -1.90 -23.31 11.09
C SER A 154 -0.54 -23.87 11.53
N GLY A 155 0.33 -22.98 11.99
CA GLY A 155 1.69 -23.31 12.41
C GLY A 155 2.73 -23.08 11.34
N GLY A 156 2.26 -22.80 10.12
CA GLY A 156 3.14 -22.53 9.01
C GLY A 156 3.69 -21.11 9.06
N PRO A 157 4.71 -20.80 8.24
CA PRO A 157 5.32 -19.47 8.34
C PRO A 157 4.73 -18.40 7.43
N LEU A 158 4.86 -17.16 7.86
CA LEU A 158 4.70 -15.98 7.01
C LEU A 158 6.18 -15.55 6.86
N LEU A 159 6.62 -15.38 5.64
CA LEU A 159 8.00 -15.00 5.30
C LEU A 159 8.06 -13.63 4.64
N CYS A 160 9.18 -12.92 4.76
CA CYS A 160 9.30 -11.65 4.06
C CYS A 160 9.99 -11.95 2.69
N PRO A 161 10.20 -10.94 1.82
CA PRO A 161 10.85 -11.19 0.51
C PRO A 161 12.29 -11.74 0.66
N ALA A 162 12.97 -11.48 1.81
CA ALA A 162 14.32 -12.01 2.03
C ALA A 162 14.30 -13.46 2.58
N GLY A 163 13.09 -14.02 2.79
CA GLY A 163 12.98 -15.38 3.30
C GLY A 163 13.14 -15.50 4.80
N HIS A 164 13.08 -14.37 5.52
CA HIS A 164 13.15 -14.40 6.99
C HIS A 164 11.73 -14.56 7.55
N ALA A 165 11.62 -15.03 8.80
CA ALA A 165 10.33 -15.29 9.43
C ALA A 165 9.69 -14.03 10.00
N VAL A 166 8.44 -13.80 9.61
CA VAL A 166 7.67 -12.67 10.10
C VAL A 166 6.71 -13.17 11.21
N GLY A 167 6.27 -14.41 11.08
CA GLY A 167 5.38 -14.97 12.10
C GLY A 167 4.91 -16.37 11.82
N ILE A 168 4.00 -16.86 12.66
CA ILE A 168 3.41 -18.20 12.53
C ILE A 168 1.92 -18.01 12.25
N PHE A 169 1.41 -18.66 11.19
CA PHE A 169 -0.01 -18.58 10.83
C PHE A 169 -0.87 -19.22 11.92
N ARG A 170 -1.90 -18.48 12.40
CA ARG A 170 -2.73 -18.97 13.49
C ARG A 170 -4.19 -19.17 13.07
N ALA A 171 -4.78 -18.15 12.46
CA ALA A 171 -6.23 -18.21 12.15
C ALA A 171 -6.55 -17.41 10.92
N ALA A 172 -7.67 -17.71 10.28
CA ALA A 172 -8.06 -16.98 9.07
C ALA A 172 -9.25 -16.11 9.39
N VAL A 173 -9.30 -14.91 8.77
CA VAL A 173 -10.47 -14.03 8.91
C VAL A 173 -11.45 -14.56 7.86
N CYS A 174 -12.48 -15.31 8.32
CA CYS A 174 -13.39 -16.08 7.47
C CYS A 174 -14.82 -15.55 7.57
N THR A 175 -15.46 -15.28 6.40
CA THR A 175 -16.84 -14.76 6.36
C THR A 175 -17.55 -15.60 5.31
N ARG A 176 -18.55 -16.37 5.76
CA ARG A 176 -19.33 -17.24 4.86
C ARG A 176 -18.44 -18.14 3.99
N GLY A 177 -17.46 -18.80 4.63
CA GLY A 177 -16.58 -19.74 3.96
C GLY A 177 -15.46 -19.14 3.13
N VAL A 178 -15.34 -17.80 3.12
CA VAL A 178 -14.32 -17.08 2.34
C VAL A 178 -13.28 -16.49 3.28
N ALA A 179 -12.01 -16.84 3.11
CA ALA A 179 -10.94 -16.23 3.89
C ALA A 179 -10.44 -14.97 3.11
N LYS A 180 -10.36 -13.81 3.79
CA LYS A 180 -9.90 -12.57 3.14
C LYS A 180 -8.62 -12.00 3.81
N ALA A 181 -8.29 -12.53 4.99
CA ALA A 181 -7.14 -12.06 5.75
C ALA A 181 -6.65 -13.16 6.69
N VAL A 182 -5.48 -12.93 7.24
CA VAL A 182 -4.87 -13.91 8.14
C VAL A 182 -4.42 -13.26 9.43
N ASP A 183 -4.49 -14.05 10.50
CA ASP A 183 -4.08 -13.68 11.83
C ASP A 183 -2.88 -14.57 12.16
N PHE A 184 -1.80 -13.95 12.68
CA PHE A 184 -0.59 -14.70 12.92
C PHE A 184 0.11 -14.24 14.18
N ILE A 185 0.94 -15.11 14.72
CA ILE A 185 1.73 -14.83 15.92
C ILE A 185 3.05 -14.19 15.39
N PRO A 186 3.32 -12.89 15.66
CA PRO A 186 4.56 -12.29 15.13
C PRO A 186 5.82 -12.86 15.76
N VAL A 187 6.90 -12.87 14.99
CA VAL A 187 8.16 -13.39 15.46
C VAL A 187 8.61 -12.65 16.76
N GLU A 188 8.29 -11.34 16.90
CA GLU A 188 8.63 -10.59 18.13
C GLU A 188 7.97 -11.23 19.37
N SER A 189 6.76 -11.75 19.20
CA SER A 189 6.01 -12.42 20.25
C SER A 189 6.64 -13.78 20.59
N LEU A 190 7.15 -14.50 19.56
CA LEU A 190 7.87 -15.77 19.82
C LEU A 190 9.12 -15.46 20.65
N GLU A 191 9.82 -14.37 20.29
CA GLU A 191 11.05 -13.96 21.01
C GLU A 191 10.73 -13.57 22.45
N THR A 192 9.60 -12.86 22.67
CA THR A 192 9.18 -12.53 24.05
C THR A 192 8.95 -13.80 24.87
N THR A 193 8.30 -14.80 24.24
CA THR A 193 8.07 -16.12 24.86
C THR A 193 9.43 -16.79 25.23
N MET A 194 10.40 -16.77 24.32
CA MET A 194 11.75 -17.34 24.56
C MET A 194 12.51 -16.63 25.67
N ARG A 195 12.31 -15.30 25.77
CA ARG A 195 13.02 -14.47 26.77
C ARG A 195 12.34 -14.46 28.12
N SER A 196 11.21 -15.15 28.25
CA SER A 196 10.43 -15.15 29.49
C SER A 196 10.77 -16.30 30.40
N PRO A 197 11.08 -16.00 31.68
CA PRO A 197 11.38 -17.07 32.64
C PRO A 197 10.11 -17.52 33.38
N GLY B 5 -7.25 5.06 22.19
CA GLY B 5 -6.18 4.70 21.26
C GLY B 5 -5.29 5.86 20.87
N SER B 6 -4.16 5.58 20.21
CA SER B 6 -3.25 6.63 19.75
C SER B 6 -3.68 7.12 18.38
N VAL B 7 -3.29 8.36 18.04
CA VAL B 7 -3.41 8.89 16.68
C VAL B 7 -2.39 8.07 15.86
N VAL B 8 -2.74 7.72 14.60
CA VAL B 8 -1.86 6.95 13.73
C VAL B 8 -1.57 7.70 12.46
N ILE B 9 -0.29 7.76 12.06
CA ILE B 9 0.11 8.32 10.77
C ILE B 9 -0.31 7.32 9.68
N VAL B 10 -1.08 7.79 8.71
CA VAL B 10 -1.56 6.96 7.61
C VAL B 10 -0.99 7.39 6.25
N GLY B 11 -0.24 8.49 6.26
CA GLY B 11 0.36 9.02 5.06
C GLY B 11 1.14 10.28 5.36
N ARG B 12 1.60 10.91 4.27
CA ARG B 12 2.38 12.13 4.43
C ARG B 12 2.30 13.01 3.21
N ILE B 13 2.65 14.28 3.39
CA ILE B 13 2.69 15.23 2.28
C ILE B 13 4.13 15.77 2.27
N ASN B 14 4.77 15.71 1.12
CA ASN B 14 6.16 16.18 0.96
C ASN B 14 6.06 17.56 0.27
N LEU B 15 6.61 18.59 0.91
CA LEU B 15 6.59 19.97 0.42
C LEU B 15 7.97 20.44 -0.12
N SER B 16 8.99 19.57 -0.06
CA SER B 16 10.37 19.93 -0.41
C SER B 16 10.67 20.12 -1.91
N GLY B 17 9.91 19.47 -2.79
CA GLY B 17 10.10 19.59 -4.24
C GLY B 17 9.36 20.76 -4.85
N ASP B 18 9.41 20.89 -6.21
CA ASP B 18 8.71 21.93 -6.97
C ASP B 18 7.17 21.84 -6.85
N THR B 19 6.66 20.62 -6.62
CA THR B 19 5.22 20.35 -6.49
C THR B 19 4.99 19.53 -5.22
N ALA B 20 4.02 19.93 -4.39
CA ALA B 20 3.69 19.16 -3.18
C ALA B 20 3.03 17.84 -3.60
N TYR B 21 3.24 16.77 -2.84
CA TYR B 21 2.54 15.52 -3.16
C TYR B 21 2.13 14.76 -1.92
N ALA B 22 1.02 14.05 -1.99
CA ALA B 22 0.56 13.21 -0.89
C ALA B 22 0.89 11.75 -1.17
N GLN B 23 1.18 11.01 -0.12
CA GLN B 23 1.48 9.58 -0.22
C GLN B 23 0.80 8.83 0.91
N GLN B 24 0.08 7.74 0.59
CA GLN B 24 -0.59 6.91 1.60
CA GLN B 24 -0.60 6.91 1.59
C GLN B 24 0.38 5.83 2.07
N THR B 25 0.50 5.63 3.40
CA THR B 25 1.44 4.64 3.95
C THR B 25 0.76 3.56 4.78
N ARG B 26 -0.43 3.81 5.28
CA ARG B 26 -1.13 2.81 6.09
C ARG B 26 -2.62 2.91 5.75
N GLY B 27 -3.23 1.77 5.45
CA GLY B 27 -4.65 1.72 5.13
C GLY B 27 -5.43 1.60 6.42
N GLU B 28 -6.77 1.69 6.34
CA GLU B 28 -7.69 1.58 7.48
C GLU B 28 -7.54 0.24 8.21
N GLU B 29 -7.42 -0.88 7.47
CA GLU B 29 -7.27 -2.24 8.02
C GLU B 29 -6.02 -2.36 8.89
N GLY B 30 -5.03 -1.50 8.61
CA GLY B 30 -3.77 -1.46 9.31
C GLY B 30 -3.63 -0.50 10.47
N CYS B 31 -4.74 0.15 10.90
CA CYS B 31 -4.72 1.17 11.96
C CYS B 31 -5.09 0.70 13.34
N GLN B 32 -6.14 -0.13 13.47
CA GLN B 32 -6.70 -0.57 14.74
C GLN B 32 -5.66 -1.11 15.71
N GLU B 33 -4.82 -2.05 15.26
CA GLU B 33 -3.81 -2.63 16.14
C GLU B 33 -2.75 -1.61 16.56
N THR B 34 -2.27 -0.78 15.60
CA THR B 34 -1.27 0.26 15.86
C THR B 34 -1.82 1.32 16.83
N SER B 35 -3.12 1.66 16.70
CA SER B 35 -3.76 2.63 17.59
C SER B 35 -3.81 2.08 19.02
N GLN B 36 -4.10 0.77 19.18
CA GLN B 36 -4.15 0.18 20.52
C GLN B 36 -2.80 0.05 21.18
N THR B 37 -1.76 -0.40 20.46
CA THR B 37 -0.41 -0.57 21.01
C THR B 37 0.33 0.76 21.15
N GLY B 38 0.09 1.68 20.20
CA GLY B 38 0.78 2.94 20.11
C GLY B 38 2.16 2.73 19.51
N ARG B 39 2.43 1.53 18.92
CA ARG B 39 3.72 1.19 18.34
C ARG B 39 3.59 1.17 16.82
N ASP B 40 4.28 2.11 16.17
CA ASP B 40 4.27 2.25 14.72
C ASP B 40 5.70 2.23 14.26
N LYS B 41 6.11 1.12 13.61
CA LYS B 41 7.48 0.91 13.17
C LYS B 41 7.86 1.71 11.91
N ASN B 42 6.87 2.27 11.19
CA ASN B 42 7.14 3.04 9.95
C ASN B 42 8.01 4.24 10.15
N GLN B 43 8.94 4.43 9.19
CA GLN B 43 9.84 5.57 9.13
C GLN B 43 8.99 6.83 8.90
N VAL B 44 9.25 7.90 9.61
CA VAL B 44 8.50 9.14 9.38
C VAL B 44 9.30 9.96 8.39
N GLU B 45 8.61 10.58 7.42
CA GLU B 45 9.24 11.48 6.45
C GLU B 45 8.28 12.63 6.12
N GLY B 46 8.78 13.71 5.54
CA GLY B 46 7.94 14.82 5.13
C GLY B 46 7.58 15.82 6.22
N GLU B 47 7.11 16.99 5.79
CA GLU B 47 6.77 18.12 6.68
C GLU B 47 5.33 17.96 7.25
N VAL B 48 4.47 17.27 6.50
CA VAL B 48 3.05 17.13 6.89
C VAL B 48 2.76 15.65 6.98
N GLN B 49 2.12 15.25 8.08
CA GLN B 49 1.68 13.88 8.27
C GLN B 49 0.14 13.83 8.07
N ILE B 50 -0.33 12.77 7.43
CA ILE B 50 -1.77 12.53 7.32
C ILE B 50 -2.01 11.58 8.48
N VAL B 51 -2.95 11.93 9.34
CA VAL B 51 -3.17 11.18 10.58
C VAL B 51 -4.63 10.77 10.75
N SER B 52 -4.86 9.73 11.56
CA SER B 52 -6.22 9.24 11.77
C SER B 52 -6.46 8.83 13.19
N THR B 53 -7.71 8.91 13.61
CA THR B 53 -8.19 8.30 14.84
C THR B 53 -9.19 7.25 14.32
N ALA B 54 -9.91 6.55 15.22
CA ALA B 54 -10.92 5.56 14.80
C ALA B 54 -12.07 6.21 14.01
N THR B 55 -12.32 7.53 14.23
CA THR B 55 -13.47 8.21 13.60
C THR B 55 -13.15 9.34 12.61
N GLN B 56 -11.90 9.86 12.58
CA GLN B 56 -11.60 11.00 11.70
C GLN B 56 -10.20 10.89 11.09
N THR B 57 -9.99 11.48 9.90
CA THR B 57 -8.67 11.62 9.29
C THR B 57 -8.42 13.14 9.11
N PHE B 58 -7.19 13.59 9.36
CA PHE B 58 -6.90 15.02 9.30
C PHE B 58 -5.39 15.13 9.09
N LEU B 59 -4.82 16.32 9.32
CA LEU B 59 -3.39 16.50 9.03
C LEU B 59 -2.63 16.98 10.26
N ALA B 60 -1.31 16.87 10.23
CA ALA B 60 -0.45 17.38 11.30
C ALA B 60 0.77 17.97 10.59
N THR B 61 1.23 19.13 11.05
CA THR B 61 2.33 19.83 10.35
C THR B 61 3.46 20.08 11.31
N SER B 62 4.71 19.79 10.86
CA SER B 62 5.86 20.00 11.72
C SER B 62 6.39 21.43 11.48
N ILE B 63 6.47 22.22 12.56
CA ILE B 63 7.00 23.60 12.51
C ILE B 63 7.81 23.75 13.77
N ASN B 64 9.04 24.30 13.64
CA ASN B 64 9.91 24.49 14.82
C ASN B 64 10.19 23.19 15.58
N GLY B 65 10.25 22.07 14.86
CA GLY B 65 10.56 20.77 15.46
C GLY B 65 9.45 20.14 16.30
N VAL B 66 8.22 20.67 16.16
CA VAL B 66 7.04 20.11 16.86
C VAL B 66 6.04 19.73 15.79
N LEU B 67 5.39 18.57 15.94
CA LEU B 67 4.34 18.12 15.02
C LEU B 67 3.01 18.64 15.62
N TRP B 68 2.44 19.64 14.96
CA TRP B 68 1.21 20.28 15.43
C TRP B 68 -0.02 19.72 14.74
N THR B 69 -1.14 19.76 15.45
CA THR B 69 -2.42 19.40 14.86
C THR B 69 -3.53 20.07 15.65
N VAL B 70 -4.77 19.80 15.25
CA VAL B 70 -5.95 20.36 15.91
C VAL B 70 -6.42 19.46 17.04
N TYR B 71 -6.84 20.08 18.15
CA TYR B 71 -7.39 19.33 19.28
C TYR B 71 -8.73 18.67 18.86
N HIS B 72 -9.52 19.32 17.95
CA HIS B 72 -10.80 18.73 17.56
C HIS B 72 -10.65 17.43 16.81
N GLY B 73 -9.43 17.15 16.35
CA GLY B 73 -9.12 15.88 15.73
C GLY B 73 -8.42 14.94 16.71
N ALA B 74 -7.32 15.41 17.34
CA ALA B 74 -6.49 14.54 18.20
C ALA B 74 -6.96 14.37 19.65
N GLY B 75 -7.69 15.34 20.20
CA GLY B 75 -8.02 15.28 21.63
C GLY B 75 -6.72 15.32 22.44
N THR B 76 -6.64 14.54 23.52
CA THR B 76 -5.43 14.44 24.36
C THR B 76 -4.65 13.18 23.99
N ARG B 77 -4.94 12.59 22.81
CA ARG B 77 -4.30 11.33 22.45
C ARG B 77 -2.80 11.40 22.27
N THR B 78 -2.15 10.25 22.53
CA THR B 78 -0.75 10.08 22.22
C THR B 78 -0.72 9.80 20.71
N ILE B 79 0.49 9.84 20.12
CA ILE B 79 0.68 9.49 18.70
C ILE B 79 1.56 8.23 18.67
N ALA B 80 1.18 7.26 17.82
CA ALA B 80 1.95 6.01 17.69
C ALA B 80 3.33 6.30 17.08
N SER B 81 4.39 5.64 17.60
CA SER B 81 5.74 5.88 17.09
C SER B 81 6.60 4.61 17.20
N PRO B 82 7.82 4.59 16.60
CA PRO B 82 8.66 3.38 16.68
C PRO B 82 9.04 2.96 18.10
N LYS B 83 9.00 3.91 19.05
CA LYS B 83 9.32 3.68 20.47
C LYS B 83 8.09 3.59 21.36
N GLY B 84 6.91 3.49 20.76
CA GLY B 84 5.69 3.42 21.54
C GLY B 84 4.93 4.76 21.53
N PRO B 85 3.82 4.84 22.28
CA PRO B 85 3.00 6.07 22.21
C PRO B 85 3.72 7.28 22.77
N VAL B 86 3.61 8.42 22.04
CA VAL B 86 4.27 9.66 22.42
C VAL B 86 3.23 10.61 22.99
N THR B 87 3.45 11.05 24.26
CA THR B 87 2.56 11.97 24.93
C THR B 87 2.73 13.40 24.35
N GLN B 88 1.62 14.14 24.26
CA GLN B 88 1.64 15.52 23.77
C GLN B 88 2.53 16.40 24.64
N MET B 89 3.31 17.28 24.00
CA MET B 89 4.15 18.25 24.70
C MET B 89 3.30 19.52 24.95
N TYR B 90 2.38 19.81 24.05
CA TYR B 90 1.52 21.00 24.11
C TYR B 90 0.07 20.63 23.88
N THR B 91 -0.81 21.23 24.66
CA THR B 91 -2.25 20.96 24.55
C THR B 91 -2.97 22.26 24.94
N ASN B 92 -3.73 22.82 24.01
CA ASN B 92 -4.47 24.05 24.29
C ASN B 92 -5.84 23.97 23.65
N VAL B 93 -6.85 23.61 24.46
CA VAL B 93 -8.22 23.43 23.96
C VAL B 93 -8.78 24.71 23.31
N ASP B 94 -8.55 25.88 23.96
CA ASP B 94 -9.04 27.17 23.48
C ASP B 94 -8.48 27.56 22.12
N LYS B 95 -7.20 27.23 21.87
CA LYS B 95 -6.60 27.53 20.56
C LYS B 95 -6.93 26.42 19.54
N ASP B 96 -7.46 25.26 20.02
CA ASP B 96 -7.75 24.04 19.23
C ASP B 96 -6.39 23.47 18.75
N LEU B 97 -5.40 23.42 19.67
CA LEU B 97 -4.02 23.10 19.29
C LEU B 97 -3.43 21.99 20.11
N VAL B 98 -2.69 21.08 19.45
CA VAL B 98 -1.98 19.99 20.10
C VAL B 98 -0.60 19.96 19.41
N GLY B 99 0.42 19.58 20.16
CA GLY B 99 1.76 19.40 19.60
C GLY B 99 2.48 18.24 20.26
N TRP B 100 3.21 17.45 19.46
CA TRP B 100 4.07 16.39 19.98
C TRP B 100 5.49 16.76 19.48
N GLN B 101 6.54 16.44 20.23
CA GLN B 101 7.91 16.65 19.69
C GLN B 101 7.96 15.92 18.32
N ALA B 102 8.44 16.59 17.24
CA ALA B 102 8.37 16.03 15.88
C ALA B 102 8.97 14.64 15.74
N PRO B 103 8.31 13.71 14.99
CA PRO B 103 8.88 12.36 14.84
C PRO B 103 10.21 12.35 14.13
N GLN B 104 11.11 11.46 14.54
CA GLN B 104 12.44 11.29 13.90
C GLN B 104 12.22 11.03 12.39
N GLY B 105 12.91 11.78 11.55
CA GLY B 105 12.80 11.61 10.10
C GLY B 105 11.90 12.63 9.41
N SER B 106 10.98 13.26 10.16
CA SER B 106 10.16 14.30 9.57
C SER B 106 11.05 15.54 9.32
N ARG B 107 10.65 16.40 8.39
CA ARG B 107 11.37 17.63 8.09
C ARG B 107 10.52 18.73 8.71
N SER B 108 11.13 19.82 9.24
CA SER B 108 10.27 20.80 9.88
C SER B 108 10.22 22.12 9.13
N LEU B 109 9.04 22.71 9.04
CA LEU B 109 8.91 24.00 8.41
C LEU B 109 9.48 25.09 9.34
N THR B 110 9.88 26.23 8.74
CA THR B 110 10.36 27.37 9.53
C THR B 110 9.29 28.49 9.41
N PRO B 111 9.19 29.38 10.42
CA PRO B 111 8.14 30.41 10.37
C PRO B 111 8.34 31.46 9.31
N CYS B 112 7.22 32.00 8.81
CA CYS B 112 7.25 33.08 7.83
C CYS B 112 7.47 34.40 8.60
N THR B 113 8.39 35.24 8.11
CA THR B 113 8.69 36.56 8.69
C THR B 113 8.60 37.66 7.61
N CYS B 114 8.15 37.31 6.39
CA CYS B 114 8.14 38.24 5.25
C CYS B 114 6.94 39.19 5.22
N GLY B 115 5.90 38.88 6.00
CA GLY B 115 4.67 39.69 6.08
C GLY B 115 3.80 39.63 4.85
N SER B 116 4.01 38.64 3.98
CA SER B 116 3.19 38.52 2.77
C SER B 116 1.73 38.21 3.11
N SER B 117 0.81 38.79 2.34
CA SER B 117 -0.59 38.46 2.55
C SER B 117 -1.03 37.42 1.51
N ASP B 118 -0.09 36.97 0.66
CA ASP B 118 -0.40 35.97 -0.36
C ASP B 118 -0.06 34.60 0.20
N LEU B 119 -1.07 33.88 0.69
CA LEU B 119 -0.88 32.60 1.33
C LEU B 119 -1.34 31.45 0.48
N TYR B 120 -0.95 30.25 0.88
CA TYR B 120 -1.30 29.02 0.16
C TYR B 120 -1.63 27.95 1.15
N LEU B 121 -2.84 27.39 1.04
CA LEU B 121 -3.25 26.32 1.94
C LEU B 121 -2.99 25.01 1.20
N VAL B 122 -2.37 24.04 1.88
CA VAL B 122 -2.10 22.73 1.29
C VAL B 122 -3.14 21.76 1.88
N THR B 123 -3.93 21.13 1.03
CA THR B 123 -4.96 20.18 1.49
C THR B 123 -4.35 18.75 1.65
N ARG B 124 -5.16 17.83 2.21
CA ARG B 124 -4.75 16.43 2.43
C ARG B 124 -4.52 15.71 1.07
N HIS B 125 -5.05 16.27 -0.02
CA HIS B 125 -4.88 15.72 -1.38
C HIS B 125 -3.72 16.42 -2.13
N ALA B 126 -2.95 17.26 -1.41
CA ALA B 126 -1.84 18.05 -1.91
C ALA B 126 -2.29 19.15 -2.93
N ASP B 127 -3.59 19.53 -2.91
CA ASP B 127 -4.07 20.68 -3.68
C ASP B 127 -3.48 21.91 -2.99
N VAL B 128 -3.10 22.94 -3.76
CA VAL B 128 -2.54 24.18 -3.19
C VAL B 128 -3.56 25.28 -3.51
N ILE B 129 -4.23 25.80 -2.47
CA ILE B 129 -5.31 26.76 -2.63
C ILE B 129 -4.81 28.16 -2.23
N PRO B 130 -4.85 29.17 -3.14
CA PRO B 130 -4.47 30.54 -2.73
C PRO B 130 -5.46 31.11 -1.71
N VAL B 131 -4.91 31.83 -0.75
CA VAL B 131 -5.63 32.48 0.34
C VAL B 131 -5.06 33.91 0.47
N ARG B 132 -5.93 34.91 0.59
CA ARG B 132 -5.47 36.29 0.82
C ARG B 132 -5.63 36.57 2.32
N ARG B 133 -4.51 36.80 3.03
CA ARG B 133 -4.59 37.04 4.47
C ARG B 133 -5.41 38.30 4.76
N ARG B 134 -6.23 38.29 5.83
CA ARG B 134 -6.99 39.49 6.20
C ARG B 134 -6.95 39.79 7.72
N GLY B 135 -6.33 38.92 8.48
CA GLY B 135 -6.14 39.15 9.91
C GLY B 135 -5.12 38.16 10.42
N ASP B 136 -4.87 38.18 11.73
CA ASP B 136 -3.89 37.24 12.28
C ASP B 136 -4.30 35.78 12.02
N SER B 137 -5.61 35.49 12.04
CA SER B 137 -6.05 34.11 11.95
C SER B 137 -7.10 33.88 10.85
N ARG B 138 -7.23 34.78 9.89
CA ARG B 138 -8.22 34.66 8.82
C ARG B 138 -7.66 34.99 7.48
N GLY B 139 -8.17 34.31 6.45
CA GLY B 139 -7.82 34.60 5.08
C GLY B 139 -8.99 34.34 4.16
N SER B 140 -9.15 35.14 3.08
CA SER B 140 -10.23 34.89 2.13
C SER B 140 -9.76 33.94 1.03
N LEU B 141 -10.67 33.12 0.54
CA LEU B 141 -10.38 32.29 -0.61
C LEU B 141 -10.56 33.16 -1.86
N LEU B 142 -9.70 32.99 -2.86
CA LEU B 142 -9.76 33.79 -4.09
C LEU B 142 -10.97 33.36 -4.92
N SER B 143 -11.34 32.06 -4.84
CA SER B 143 -12.49 31.44 -5.49
C SER B 143 -13.21 30.64 -4.40
N PRO B 144 -14.55 30.71 -4.30
CA PRO B 144 -15.23 29.84 -3.32
C PRO B 144 -15.02 28.36 -3.66
N ARG B 145 -15.01 27.49 -2.65
CA ARG B 145 -14.81 26.06 -2.86
C ARG B 145 -15.93 25.31 -2.17
N PRO B 146 -16.34 24.13 -2.68
CA PRO B 146 -17.29 23.31 -1.91
C PRO B 146 -16.59 22.89 -0.62
N ILE B 147 -17.33 22.85 0.49
CA ILE B 147 -16.72 22.52 1.78
C ILE B 147 -15.99 21.15 1.78
N SER B 148 -16.49 20.16 0.99
CA SER B 148 -15.89 18.82 0.87
C SER B 148 -14.40 18.89 0.46
N TYR B 149 -14.02 19.95 -0.30
CA TYR B 149 -12.66 20.20 -0.76
C TYR B 149 -11.70 20.37 0.45
N LEU B 150 -12.19 20.94 1.56
CA LEU B 150 -11.36 21.22 2.74
C LEU B 150 -11.51 20.21 3.88
N LYS B 151 -12.56 19.38 3.84
CA LYS B 151 -12.80 18.39 4.88
C LYS B 151 -11.60 17.44 4.99
N GLY B 152 -11.15 17.25 6.24
CA GLY B 152 -10.01 16.38 6.50
C GLY B 152 -8.66 17.07 6.35
N SER B 153 -8.67 18.42 6.12
CA SER B 153 -7.41 19.15 5.96
C SER B 153 -7.04 19.96 7.21
N SER B 154 -7.90 19.95 8.26
CA SER B 154 -7.51 20.65 9.50
C SER B 154 -6.19 20.10 10.01
N GLY B 155 -5.32 20.99 10.47
CA GLY B 155 -3.98 20.65 10.93
C GLY B 155 -2.92 20.84 9.86
N GLY B 156 -3.37 21.07 8.63
CA GLY B 156 -2.45 21.26 7.52
C GLY B 156 -1.89 22.67 7.47
N PRO B 157 -0.88 22.92 6.61
CA PRO B 157 -0.23 24.23 6.66
C PRO B 157 -0.80 25.30 5.75
N LEU B 158 -0.62 26.56 6.18
CA LEU B 158 -0.83 27.75 5.39
C LEU B 158 0.63 28.22 5.18
N LEU B 159 1.03 28.40 3.93
CA LEU B 159 2.39 28.78 3.56
C LEU B 159 2.44 30.15 2.89
N CYS B 160 3.60 30.83 3.00
CA CYS B 160 3.76 32.09 2.29
C CYS B 160 4.41 31.77 0.90
N PRO B 161 4.64 32.80 0.04
CA PRO B 161 5.27 32.53 -1.29
C PRO B 161 6.66 31.91 -1.18
N ALA B 162 7.37 32.10 -0.03
CA ALA B 162 8.70 31.49 0.14
C ALA B 162 8.61 30.05 0.71
N GLY B 163 7.39 29.55 0.96
CA GLY B 163 7.24 28.21 1.50
C GLY B 163 7.45 28.10 3.00
N HIS B 164 7.44 29.24 3.71
CA HIS B 164 7.54 29.23 5.17
C HIS B 164 6.13 29.13 5.77
N ALA B 165 6.03 28.64 7.01
CA ALA B 165 4.75 28.42 7.69
C ALA B 165 4.16 29.70 8.26
N VAL B 166 2.90 29.97 7.89
CA VAL B 166 2.17 31.14 8.38
C VAL B 166 1.23 30.67 9.51
N GLY B 167 0.77 29.42 9.39
CA GLY B 167 -0.18 28.90 10.37
C GLY B 167 -0.61 27.48 10.10
N ILE B 168 -1.56 27.02 10.93
CA ILE B 168 -2.15 25.69 10.85
C ILE B 168 -3.64 25.90 10.53
N PHE B 169 -4.13 25.24 9.48
CA PHE B 169 -5.55 25.34 9.11
C PHE B 169 -6.44 24.74 10.21
N ARG B 170 -7.47 25.50 10.63
CA ARG B 170 -8.32 25.08 11.74
C ARG B 170 -9.78 24.90 11.30
N ALA B 171 -10.36 25.89 10.64
CA ALA B 171 -11.80 25.86 10.30
C ALA B 171 -12.10 26.64 9.05
N ALA B 172 -13.21 26.34 8.39
CA ALA B 172 -13.57 27.08 7.18
C ALA B 172 -14.79 27.97 7.45
N VAL B 173 -14.82 29.14 6.83
CA VAL B 173 -16.00 30.00 6.92
C VAL B 173 -16.93 29.45 5.84
N CYS B 174 -17.97 28.69 6.27
CA CYS B 174 -18.85 27.91 5.38
C CYS B 174 -20.30 28.42 5.45
N THR B 175 -20.91 28.65 4.27
CA THR B 175 -22.31 29.09 4.16
C THR B 175 -22.96 28.18 3.13
N ARG B 176 -23.95 27.39 3.55
CA ARG B 176 -24.68 26.47 2.65
C ARG B 176 -23.74 25.60 1.79
N GLY B 177 -22.74 25.01 2.44
CA GLY B 177 -21.81 24.10 1.76
C GLY B 177 -20.71 24.76 0.95
N VAL B 178 -20.65 26.11 0.98
CA VAL B 178 -19.62 26.86 0.23
C VAL B 178 -18.61 27.48 1.19
N ALA B 179 -17.31 27.16 1.05
CA ALA B 179 -16.27 27.79 1.87
C ALA B 179 -15.79 29.07 1.13
N LYS B 180 -15.76 30.22 1.80
CA LYS B 180 -15.31 31.48 1.19
C LYS B 180 -14.06 32.06 1.89
N ALA B 181 -13.73 31.51 3.08
CA ALA B 181 -12.60 31.98 3.85
C ALA B 181 -12.13 30.88 4.78
N VAL B 182 -10.94 31.07 5.35
CA VAL B 182 -10.37 30.07 6.25
C VAL B 182 -9.91 30.72 7.53
N ASP B 183 -9.98 29.94 8.60
CA ASP B 183 -9.58 30.31 9.95
C ASP B 183 -8.39 29.41 10.29
N PHE B 184 -7.30 30.01 10.79
CA PHE B 184 -6.10 29.25 11.08
C PHE B 184 -5.41 29.71 12.34
N ILE B 185 -4.57 28.85 12.91
CA ILE B 185 -3.80 29.18 14.13
C ILE B 185 -2.48 29.78 13.61
N PRO B 186 -2.19 31.06 13.90
CA PRO B 186 -0.93 31.65 13.37
C PRO B 186 0.31 31.08 14.00
N VAL B 187 1.41 31.00 13.21
CA VAL B 187 2.67 30.50 13.70
C VAL B 187 3.14 31.24 14.98
N GLU B 188 2.87 32.57 15.08
CA GLU B 188 3.25 33.34 16.29
C GLU B 188 2.59 32.77 17.54
N SER B 189 1.35 32.24 17.41
CA SER B 189 0.60 31.62 18.48
C SER B 189 1.23 30.27 18.85
N LEU B 190 1.72 29.50 17.85
CA LEU B 190 2.42 28.23 18.14
C LEU B 190 3.69 28.55 18.93
N GLU B 191 4.41 29.59 18.53
CA GLU B 191 5.65 30.00 19.19
C GLU B 191 5.39 30.45 20.62
N THR B 192 4.29 31.20 20.86
CA THR B 192 3.91 31.60 22.22
C THR B 192 3.68 30.35 23.08
N THR B 193 2.99 29.33 22.51
CA THR B 193 2.75 28.06 23.19
C THR B 193 4.09 27.38 23.56
N MET B 194 5.05 27.33 22.62
CA MET B 194 6.37 26.71 22.84
C MET B 194 7.18 27.44 23.91
N ARG B 195 7.02 28.78 23.97
CA ARG B 195 7.79 29.62 24.90
C ARG B 195 7.15 29.74 26.26
N SER B 196 5.98 29.12 26.44
CA SER B 196 5.24 29.17 27.71
C SER B 196 5.59 28.03 28.67
N PRO B 197 5.97 28.38 29.93
CA PRO B 197 6.24 27.34 30.93
C PRO B 197 4.96 26.96 31.69
N ALA B 198 4.41 25.76 31.36
CA ALA B 198 3.17 25.22 31.94
C ALA B 198 3.26 24.96 33.45
N GLY C 5 -12.92 19.43 -22.27
CA GLY C 5 -11.86 19.71 -21.31
C GLY C 5 -10.61 18.88 -21.57
N SER C 6 -9.51 19.25 -20.96
CA SER C 6 -8.24 18.54 -21.08
C SER C 6 -8.12 17.45 -20.06
N VAL C 7 -7.33 16.42 -20.38
CA VAL C 7 -6.92 15.40 -19.41
C VAL C 7 -5.98 16.15 -18.43
N VAL C 8 -6.05 15.82 -17.14
CA VAL C 8 -5.21 16.49 -16.15
C VAL C 8 -4.41 15.45 -15.35
N ILE C 9 -3.12 15.71 -15.14
CA ILE C 9 -2.26 14.88 -14.29
C ILE C 9 -2.64 15.17 -12.83
N VAL C 10 -2.94 14.11 -12.08
CA VAL C 10 -3.34 14.23 -10.67
C VAL C 10 -2.38 13.48 -9.74
N GLY C 11 -1.34 12.91 -10.33
CA GLY C 11 -0.34 12.20 -9.54
C GLY C 11 0.65 11.49 -10.43
N ARG C 12 1.54 10.75 -9.80
CA ARG C 12 2.56 9.99 -10.56
C ARG C 12 2.99 8.73 -9.80
N ILE C 13 3.48 7.72 -10.54
CA ILE C 13 4.01 6.51 -9.93
C ILE C 13 5.52 6.64 -9.98
N ASN C 14 6.12 6.70 -8.81
CA ASN C 14 7.56 6.82 -8.65
C ASN C 14 8.20 5.42 -8.59
N LEU C 15 9.00 5.10 -9.61
CA LEU C 15 9.71 3.81 -9.75
C LEU C 15 11.22 3.92 -9.41
N SER C 16 11.69 5.10 -8.97
CA SER C 16 13.10 5.42 -8.67
C SER C 16 13.72 4.69 -7.47
N GLY C 17 12.94 4.42 -6.43
CA GLY C 17 13.45 3.77 -5.22
C GLY C 17 13.38 2.26 -5.25
N ASP C 18 13.72 1.63 -4.10
CA ASP C 18 13.67 0.18 -3.87
C ASP C 18 12.23 -0.37 -3.96
N THR C 19 11.23 0.46 -3.64
CA THR C 19 9.81 0.11 -3.66
C THR C 19 9.04 1.19 -4.44
N ALA C 20 8.21 0.78 -5.42
CA ALA C 20 7.42 1.75 -6.19
C ALA C 20 6.39 2.41 -5.27
N TYR C 21 6.09 3.71 -5.49
CA TYR C 21 5.07 4.36 -4.66
C TYR C 21 4.30 5.43 -5.46
N ALA C 22 3.07 5.68 -5.06
CA ALA C 22 2.23 6.64 -5.76
C ALA C 22 2.27 7.97 -5.01
N GLN C 23 2.34 9.03 -5.80
CA GLN C 23 2.36 10.42 -5.32
C GLN C 23 1.12 11.09 -5.86
N GLN C 24 0.30 11.70 -4.99
CA GLN C 24 -0.89 12.39 -5.44
C GLN C 24 -0.60 13.89 -5.45
N THR C 25 -0.93 14.57 -6.52
CA THR C 25 -0.69 16.02 -6.64
C THR C 25 -1.99 16.83 -6.70
N ARG C 26 -3.15 16.17 -6.98
CA ARG C 26 -4.44 16.88 -7.00
C ARG C 26 -5.55 15.97 -6.52
N GLY C 27 -6.54 16.58 -5.86
CA GLY C 27 -7.73 15.87 -5.40
C GLY C 27 -8.76 15.83 -6.51
N GLU C 28 -9.87 15.06 -6.28
CA GLU C 28 -10.97 14.91 -7.25
C GLU C 28 -11.60 16.24 -7.66
N GLU C 29 -11.84 17.15 -6.70
CA GLU C 29 -12.43 18.46 -6.95
C GLU C 29 -11.37 19.51 -7.34
N GLY C 30 -10.11 19.10 -7.48
CA GLY C 30 -9.02 20.03 -7.77
C GLY C 30 -8.53 20.12 -9.22
N CYS C 31 -9.36 19.69 -10.20
CA CYS C 31 -8.97 19.68 -11.62
C CYS C 31 -9.79 20.58 -12.55
N GLN C 32 -10.96 21.06 -12.10
CA GLN C 32 -11.89 21.86 -12.91
C GLN C 32 -11.21 22.97 -13.69
N GLU C 33 -10.50 23.92 -13.03
CA GLU C 33 -9.83 25.04 -13.73
C GLU C 33 -8.72 24.58 -14.68
N THR C 34 -7.90 23.61 -14.24
CA THR C 34 -6.82 23.06 -15.05
C THR C 34 -7.38 22.39 -16.32
N SER C 35 -8.46 21.61 -16.21
CA SER C 35 -9.09 20.94 -17.35
C SER C 35 -9.69 21.91 -18.37
N GLN C 36 -10.38 23.00 -17.89
CA GLN C 36 -11.00 23.99 -18.78
C GLN C 36 -9.96 24.83 -19.53
N THR C 37 -8.93 25.33 -18.83
CA THR C 37 -7.87 26.15 -19.43
C THR C 37 -6.84 25.32 -20.19
N GLY C 38 -6.58 24.10 -19.71
CA GLY C 38 -5.54 23.24 -20.26
C GLY C 38 -4.17 23.70 -19.80
N ARG C 39 -4.12 24.61 -18.80
CA ARG C 39 -2.88 25.15 -18.26
C ARG C 39 -2.63 24.56 -16.88
N ASP C 40 -1.57 23.77 -16.77
CA ASP C 40 -1.17 23.10 -15.54
C ASP C 40 0.21 23.59 -15.22
N LYS C 41 0.35 24.34 -14.15
CA LYS C 41 1.63 24.87 -13.71
C LYS C 41 2.55 23.82 -13.10
N ASN C 42 2.02 22.63 -12.70
CA ASN C 42 2.87 21.58 -12.13
C ASN C 42 3.83 21.02 -13.16
N GLN C 43 5.08 20.80 -12.75
CA GLN C 43 6.08 20.19 -13.62
C GLN C 43 5.82 18.69 -13.64
N VAL C 44 6.08 18.04 -14.79
CA VAL C 44 5.91 16.60 -14.95
C VAL C 44 7.18 15.89 -14.44
N GLU C 45 7.01 14.92 -13.53
CA GLU C 45 8.11 14.10 -13.02
C GLU C 45 7.76 12.64 -13.18
N GLY C 46 8.78 11.86 -13.54
CA GLY C 46 8.67 10.41 -13.70
C GLY C 46 8.09 9.93 -15.00
N GLU C 47 8.02 8.60 -15.11
CA GLU C 47 7.59 7.88 -16.33
C GLU C 47 6.11 7.52 -16.33
N VAL C 48 5.47 7.37 -15.15
CA VAL C 48 4.03 6.98 -15.13
C VAL C 48 3.24 8.11 -14.47
N GLN C 49 2.23 8.63 -15.16
CA GLN C 49 1.38 9.71 -14.67
C GLN C 49 0.02 9.15 -14.32
N ILE C 50 -0.58 9.65 -13.24
CA ILE C 50 -1.96 9.32 -12.88
C ILE C 50 -2.75 10.48 -13.47
N VAL C 51 -3.74 10.17 -14.32
CA VAL C 51 -4.46 11.21 -15.06
C VAL C 51 -5.97 11.11 -14.87
N SER C 52 -6.68 12.21 -15.07
CA SER C 52 -8.14 12.22 -14.91
C SER C 52 -8.84 13.05 -15.94
N THR C 53 -10.08 12.69 -16.24
CA THR C 53 -11.02 13.51 -17.02
C THR C 53 -12.09 13.85 -15.97
N ALA C 54 -13.17 14.54 -16.37
CA ALA C 54 -14.26 14.85 -15.44
C ALA C 54 -14.94 13.60 -14.89
N THR C 55 -14.89 12.46 -15.63
CA THR C 55 -15.60 11.24 -15.24
C THR C 55 -14.75 10.01 -14.92
N GLN C 56 -13.45 9.99 -15.30
CA GLN C 56 -12.63 8.79 -15.09
C GLN C 56 -11.20 9.14 -14.67
N THR C 57 -10.55 8.23 -13.93
CA THR C 57 -9.14 8.34 -13.58
C THR C 57 -8.45 7.08 -14.13
N PHE C 58 -7.23 7.26 -14.68
CA PHE C 58 -6.52 6.13 -15.29
C PHE C 58 -5.01 6.51 -15.31
N LEU C 59 -4.20 5.80 -16.10
CA LEU C 59 -2.76 6.08 -16.08
C LEU C 59 -2.25 6.43 -17.47
N ALA C 60 -1.06 7.02 -17.52
CA ALA C 60 -0.41 7.30 -18.81
C ALA C 60 1.08 7.01 -18.59
N THR C 61 1.72 6.38 -19.56
CA THR C 61 3.12 5.95 -19.40
C THR C 61 3.97 6.50 -20.51
N SER C 62 5.14 7.08 -20.16
CA SER C 62 6.03 7.63 -21.17
C SER C 62 6.99 6.53 -21.65
N ILE C 63 6.98 6.27 -22.97
CA ILE C 63 7.88 5.29 -23.58
C ILE C 63 8.34 5.90 -24.89
N ASN C 64 9.67 5.86 -25.15
CA ASN C 64 10.23 6.47 -26.40
C ASN C 64 9.87 7.95 -26.55
N GLY C 65 9.78 8.68 -25.44
CA GLY C 65 9.51 10.11 -25.43
C GLY C 65 8.08 10.53 -25.74
N VAL C 66 7.15 9.56 -25.72
CA VAL C 66 5.72 9.83 -25.95
C VAL C 66 4.98 9.38 -24.69
N LEU C 67 4.02 10.19 -24.23
CA LEU C 67 3.20 9.83 -23.08
C LEU C 67 1.96 9.12 -23.66
N TRP C 68 1.89 7.81 -23.44
CA TRP C 68 0.83 6.97 -23.98
C TRP C 68 -0.27 6.71 -22.97
N THR C 69 -1.48 6.53 -23.48
CA THR C 69 -2.59 6.13 -22.64
C THR C 69 -3.62 5.45 -23.51
N VAL C 70 -4.75 5.08 -22.89
CA VAL C 70 -5.84 4.40 -23.59
C VAL C 70 -6.85 5.40 -24.11
N TYR C 71 -7.36 5.14 -25.32
CA TYR C 71 -8.37 5.99 -25.93
C TYR C 71 -9.68 5.89 -25.09
N HIS C 72 -9.98 4.71 -24.50
CA HIS C 72 -11.24 4.57 -23.74
C HIS C 72 -11.26 5.48 -22.52
N GLY C 73 -10.10 5.99 -22.13
CA GLY C 73 -10.00 6.97 -21.06
C GLY C 73 -9.90 8.40 -21.58
N ALA C 74 -8.90 8.65 -22.45
CA ALA C 74 -8.63 10.01 -22.93
C ALA C 74 -9.48 10.52 -24.10
N GLY C 75 -10.03 9.63 -24.92
CA GLY C 75 -10.73 10.07 -26.13
C GLY C 75 -9.77 10.84 -27.02
N THR C 76 -10.21 11.96 -27.63
CA THR C 76 -9.32 12.78 -28.48
C THR C 76 -8.83 14.02 -27.69
N ARG C 77 -8.97 13.99 -26.34
CA ARG C 77 -8.62 15.14 -25.53
C ARG C 77 -7.18 15.58 -25.58
N THR C 78 -6.97 16.88 -25.36
CA THR C 78 -5.64 17.44 -25.17
C THR C 78 -5.27 17.11 -23.70
N ILE C 79 -4.00 17.28 -23.35
CA ILE C 79 -3.55 17.11 -21.97
C ILE C 79 -3.06 18.47 -21.47
N ALA C 80 -3.43 18.82 -20.25
CA ALA C 80 -3.01 20.10 -19.66
C ALA C 80 -1.51 20.08 -19.36
N SER C 81 -0.85 21.23 -19.63
CA SER C 81 0.58 21.30 -19.40
C SER C 81 1.00 22.75 -19.02
N PRO C 82 2.25 22.97 -18.54
CA PRO C 82 2.68 24.34 -18.20
C PRO C 82 2.66 25.33 -19.39
N LYS C 83 2.68 24.81 -20.63
CA LYS C 83 2.62 25.61 -21.86
C LYS C 83 1.22 25.62 -22.52
N GLY C 84 0.21 25.13 -21.79
CA GLY C 84 -1.16 25.08 -22.30
C GLY C 84 -1.53 23.69 -22.79
N PRO C 85 -2.74 23.52 -23.36
CA PRO C 85 -3.18 22.18 -23.78
C PRO C 85 -2.35 21.61 -24.91
N VAL C 86 -1.96 20.33 -24.78
CA VAL C 86 -1.13 19.66 -25.76
C VAL C 86 -2.00 18.71 -26.58
N THR C 87 -2.03 18.91 -27.91
CA THR C 87 -2.81 18.07 -28.82
C THR C 87 -2.12 16.69 -28.99
N GLN C 88 -2.92 15.62 -29.12
CA GLN C 88 -2.40 14.25 -29.31
C GLN C 88 -1.57 14.18 -30.60
N MET C 89 -0.44 13.48 -30.53
CA MET C 89 0.41 13.23 -31.69
C MET C 89 -0.08 11.92 -32.35
N TYR C 90 -0.58 10.97 -31.53
CA TYR C 90 -1.04 9.67 -32.03
C TYR C 90 -2.42 9.37 -31.49
N THR C 91 -3.28 8.81 -32.35
CA THR C 91 -4.66 8.48 -31.96
C THR C 91 -5.05 7.26 -32.77
N ASN C 92 -5.34 6.15 -32.08
CA ASN C 92 -5.74 4.94 -32.81
C ASN C 92 -6.84 4.25 -32.04
N VAL C 93 -8.08 4.47 -32.46
CA VAL C 93 -9.26 3.91 -31.78
C VAL C 93 -9.23 2.38 -31.71
N ASP C 94 -8.84 1.72 -32.83
CA ASP C 94 -8.78 0.26 -32.93
C ASP C 94 -7.78 -0.36 -31.95
N LYS C 95 -6.63 0.31 -31.72
CA LYS C 95 -5.64 -0.22 -30.78
C LYS C 95 -5.98 0.21 -29.35
N ASP C 96 -6.93 1.17 -29.19
CA ASP C 96 -7.33 1.82 -27.93
C ASP C 96 -6.11 2.62 -27.41
N LEU C 97 -5.46 3.37 -28.33
CA LEU C 97 -4.20 4.02 -28.02
C LEU C 97 -4.18 5.50 -28.33
N VAL C 98 -3.61 6.27 -27.41
CA VAL C 98 -3.45 7.71 -27.57
C VAL C 98 -2.01 8.02 -27.15
N GLY C 99 -1.39 9.01 -27.77
CA GLY C 99 -0.07 9.46 -27.36
C GLY C 99 0.10 10.95 -27.53
N TRP C 100 0.73 11.60 -26.54
CA TRP C 100 1.08 13.02 -26.63
C TRP C 100 2.61 13.06 -26.59
N GLN C 101 3.20 13.95 -27.39
CA GLN C 101 4.66 14.10 -27.43
C GLN C 101 5.11 14.70 -26.11
N ALA C 102 6.04 14.03 -25.41
CA ALA C 102 6.55 14.59 -24.15
C ALA C 102 7.69 15.59 -24.53
N PRO C 103 8.09 16.57 -23.68
CA PRO C 103 9.18 17.49 -24.11
C PRO C 103 10.49 16.75 -24.38
N GLN C 104 11.33 17.28 -25.29
CA GLN C 104 12.62 16.68 -25.60
C GLN C 104 13.48 16.51 -24.34
N GLY C 105 14.05 15.32 -24.16
CA GLY C 105 14.89 14.99 -23.02
C GLY C 105 14.20 14.72 -21.69
N SER C 106 12.86 14.59 -21.68
CA SER C 106 12.10 14.26 -20.45
C SER C 106 12.27 12.76 -20.11
N ARG C 107 12.00 12.34 -18.83
CA ARG C 107 12.14 10.93 -18.37
C ARG C 107 11.15 9.97 -19.06
N SER C 108 11.66 8.88 -19.68
CA SER C 108 10.83 7.97 -20.47
C SER C 108 11.36 6.56 -20.42
N LEU C 109 10.45 5.57 -20.40
CA LEU C 109 10.87 4.17 -20.38
C LEU C 109 11.44 3.79 -21.75
N THR C 110 12.28 2.75 -21.77
CA THR C 110 12.83 2.23 -23.02
C THR C 110 12.22 0.84 -23.25
N PRO C 111 12.12 0.38 -24.52
CA PRO C 111 11.47 -0.91 -24.78
C PRO C 111 12.26 -2.10 -24.30
N CYS C 112 11.52 -3.15 -23.94
CA CYS C 112 12.12 -4.41 -23.53
C CYS C 112 12.52 -5.19 -24.78
N THR C 113 13.75 -5.71 -24.79
CA THR C 113 14.31 -6.53 -25.87
C THR C 113 14.83 -7.87 -25.36
N CYS C 114 14.69 -8.16 -24.04
CA CYS C 114 15.25 -9.36 -23.39
C CYS C 114 14.42 -10.64 -23.61
N GLY C 115 13.16 -10.50 -24.04
CA GLY C 115 12.26 -11.62 -24.28
C GLY C 115 11.82 -12.35 -23.03
N SER C 116 11.95 -11.71 -21.85
CA SER C 116 11.53 -12.34 -20.60
C SER C 116 10.00 -12.55 -20.59
N SER C 117 9.57 -13.68 -20.05
CA SER C 117 8.13 -13.90 -19.97
C SER C 117 7.68 -13.56 -18.53
N ASP C 118 8.60 -13.13 -17.64
CA ASP C 118 8.23 -12.73 -16.28
C ASP C 118 8.03 -11.21 -16.32
N LEU C 119 6.78 -10.77 -16.25
CA LEU C 119 6.48 -9.35 -16.35
C LEU C 119 5.88 -8.85 -15.04
N TYR C 120 5.77 -7.54 -14.93
CA TYR C 120 5.17 -6.87 -13.78
C TYR C 120 4.25 -5.77 -14.27
N LEU C 121 3.02 -5.79 -13.76
CA LEU C 121 2.06 -4.75 -14.07
C LEU C 121 2.14 -3.77 -12.91
N VAL C 122 2.25 -2.50 -13.23
CA VAL C 122 2.27 -1.44 -12.20
C VAL C 122 0.89 -0.78 -12.20
N THR C 123 0.21 -0.80 -11.04
CA THR C 123 -1.13 -0.24 -10.92
C THR C 123 -1.10 1.24 -10.46
N ARG C 124 -2.28 1.89 -10.49
CA ARG C 124 -2.41 3.28 -10.08
C ARG C 124 -2.11 3.47 -8.58
N HIS C 125 -2.15 2.38 -7.80
CA HIS C 125 -1.84 2.41 -6.36
C HIS C 125 -0.39 1.99 -6.10
N ALA C 126 0.41 1.86 -7.18
CA ALA C 126 1.80 1.43 -7.15
C ALA C 126 1.96 -0.04 -6.62
N ASP C 127 0.95 -0.89 -6.85
CA ASP C 127 1.09 -2.33 -6.64
C ASP C 127 1.91 -2.78 -7.83
N VAL C 128 2.77 -3.76 -7.62
CA VAL C 128 3.59 -4.32 -8.69
C VAL C 128 3.14 -5.79 -8.74
N ILE C 129 2.38 -6.12 -9.76
CA ILE C 129 1.78 -7.45 -9.89
C ILE C 129 2.49 -8.34 -10.89
N PRO C 130 2.96 -9.53 -10.45
CA PRO C 130 3.62 -10.44 -11.41
C PRO C 130 2.63 -11.03 -12.40
N VAL C 131 3.06 -11.09 -13.65
CA VAL C 131 2.28 -11.56 -14.80
C VAL C 131 3.22 -12.44 -15.62
N ARG C 132 2.72 -13.56 -16.10
CA ARG C 132 3.47 -14.46 -16.98
C ARG C 132 3.01 -14.19 -18.42
N ARG C 133 3.92 -13.74 -19.29
CA ARG C 133 3.55 -13.47 -20.67
C ARG C 133 3.03 -14.75 -21.36
N ARG C 134 1.92 -14.66 -22.11
CA ARG C 134 1.29 -15.81 -22.76
C ARG C 134 1.20 -15.68 -24.28
N GLY C 135 1.32 -14.46 -24.79
CA GLY C 135 1.27 -14.13 -26.21
C GLY C 135 1.73 -12.72 -26.41
N ASP C 136 1.60 -12.19 -27.64
CA ASP C 136 2.04 -10.82 -27.91
C ASP C 136 1.34 -9.77 -27.06
N SER C 137 0.05 -9.98 -26.77
CA SER C 137 -0.74 -8.98 -26.07
C SER C 137 -1.49 -9.54 -24.84
N ARG C 138 -1.06 -10.70 -24.32
CA ARG C 138 -1.73 -11.30 -23.16
C ARG C 138 -0.73 -11.84 -22.14
N GLY C 139 -1.11 -11.75 -20.88
CA GLY C 139 -0.31 -12.31 -19.79
C GLY C 139 -1.21 -12.81 -18.69
N SER C 140 -0.84 -13.93 -18.04
CA SER C 140 -1.68 -14.49 -16.98
C SER C 140 -1.19 -13.99 -15.61
N LEU C 141 -2.10 -13.69 -14.68
CA LEU C 141 -1.64 -13.28 -13.35
C LEU C 141 -1.16 -14.54 -12.62
N LEU C 142 -0.03 -14.44 -11.85
CA LEU C 142 0.47 -15.60 -11.10
C LEU C 142 -0.57 -16.02 -10.10
N SER C 143 -1.22 -15.03 -9.51
CA SER C 143 -2.36 -15.20 -8.65
C SER C 143 -3.40 -14.14 -9.04
N PRO C 144 -4.67 -14.55 -9.16
CA PRO C 144 -5.74 -13.61 -9.57
C PRO C 144 -5.95 -12.45 -8.61
N ARG C 145 -6.60 -11.41 -9.10
CA ARG C 145 -6.92 -10.29 -8.24
C ARG C 145 -8.39 -9.97 -8.46
N PRO C 146 -9.08 -9.42 -7.42
CA PRO C 146 -10.44 -8.88 -7.64
C PRO C 146 -10.28 -7.77 -8.70
N ILE C 147 -11.24 -7.67 -9.61
CA ILE C 147 -11.19 -6.67 -10.66
C ILE C 147 -11.02 -5.23 -10.15
N SER C 148 -11.63 -4.90 -8.97
CA SER C 148 -11.55 -3.55 -8.37
C SER C 148 -10.10 -3.11 -8.14
N TYR C 149 -9.20 -4.07 -7.93
CA TYR C 149 -7.78 -3.83 -7.71
C TYR C 149 -7.10 -3.24 -8.94
N LEU C 150 -7.63 -3.53 -10.15
CA LEU C 150 -7.07 -3.11 -11.46
C LEU C 150 -7.82 -1.94 -12.09
N LYS C 151 -8.99 -1.60 -11.53
CA LYS C 151 -9.80 -0.49 -12.04
C LYS C 151 -9.03 0.79 -11.92
N GLY C 152 -9.00 1.56 -13.01
CA GLY C 152 -8.29 2.81 -13.07
C GLY C 152 -6.80 2.66 -13.38
N SER C 153 -6.36 1.44 -13.77
CA SER C 153 -4.93 1.21 -14.09
C SER C 153 -4.66 1.09 -15.59
N SER C 154 -5.72 1.19 -16.42
CA SER C 154 -5.47 1.17 -17.88
C SER C 154 -4.55 2.34 -18.23
N GLY C 155 -3.62 2.07 -19.13
CA GLY C 155 -2.59 3.04 -19.56
C GLY C 155 -1.28 2.89 -18.81
N GLY C 156 -1.30 2.06 -17.76
CA GLY C 156 -0.12 1.79 -16.95
C GLY C 156 0.84 0.83 -17.64
N PRO C 157 2.07 0.69 -17.15
CA PRO C 157 3.02 -0.18 -17.85
C PRO C 157 3.04 -1.64 -17.42
N LEU C 158 3.39 -2.52 -18.38
CA LEU C 158 3.79 -3.90 -18.13
C LEU C 158 5.31 -3.79 -18.29
N LEU C 159 6.09 -4.12 -17.25
CA LEU C 159 7.56 -4.02 -17.31
C LEU C 159 8.20 -5.40 -17.23
N CYS C 160 9.39 -5.54 -17.80
CA CYS C 160 10.14 -6.79 -17.66
C CYS C 160 10.99 -6.70 -16.35
N PRO C 161 11.73 -7.76 -15.96
CA PRO C 161 12.55 -7.70 -14.73
C PRO C 161 13.59 -6.57 -14.74
N ALA C 162 14.05 -6.14 -15.95
CA ALA C 162 15.02 -5.04 -16.03
C ALA C 162 14.36 -3.64 -15.98
N GLY C 163 13.02 -3.59 -15.88
CA GLY C 163 12.32 -2.33 -15.78
C GLY C 163 12.10 -1.67 -17.13
N HIS C 164 12.23 -2.44 -18.22
CA HIS C 164 11.97 -1.90 -19.56
C HIS C 164 10.48 -2.17 -19.88
N ALA C 165 9.89 -1.37 -20.76
CA ALA C 165 8.49 -1.43 -21.12
C ALA C 165 8.18 -2.56 -22.11
N VAL C 166 7.24 -3.42 -21.73
CA VAL C 166 6.77 -4.52 -22.58
C VAL C 166 5.46 -4.09 -23.29
N GLY C 167 4.66 -3.30 -22.60
CA GLY C 167 3.38 -2.87 -23.17
C GLY C 167 2.65 -1.92 -22.26
N ILE C 168 1.46 -1.50 -22.70
CA ILE C 168 0.56 -0.61 -21.95
C ILE C 168 -0.64 -1.45 -21.59
N PHE C 169 -1.03 -1.46 -20.31
CA PHE C 169 -2.18 -2.22 -19.85
C PHE C 169 -3.47 -1.64 -20.44
N ARG C 170 -4.30 -2.52 -21.04
CA ARG C 170 -5.50 -2.08 -21.73
C ARG C 170 -6.78 -2.62 -21.08
N ALA C 171 -6.84 -3.94 -20.85
CA ALA C 171 -8.07 -4.56 -20.35
C ALA C 171 -7.77 -5.79 -19.54
N ALA C 172 -8.69 -6.17 -18.65
CA ALA C 172 -8.47 -7.36 -17.82
C ALA C 172 -9.38 -8.49 -18.27
N VAL C 173 -8.89 -9.73 -18.18
CA VAL C 173 -9.73 -10.89 -18.47
C VAL C 173 -10.47 -11.15 -17.15
N CYS C 174 -11.75 -10.75 -17.09
CA CYS C 174 -12.58 -10.72 -15.87
C CYS C 174 -13.75 -11.67 -15.97
N THR C 175 -13.93 -12.53 -14.94
CA THR C 175 -15.07 -13.46 -14.87
C THR C 175 -15.63 -13.34 -13.47
N ARG C 176 -16.87 -12.87 -13.34
CA ARG C 176 -17.55 -12.72 -12.03
C ARG C 176 -16.66 -11.97 -11.01
N GLY C 177 -16.09 -10.86 -11.45
CA GLY C 177 -15.28 -10.01 -10.59
C GLY C 177 -13.85 -10.47 -10.33
N VAL C 178 -13.42 -11.57 -10.94
CA VAL C 178 -12.06 -12.10 -10.75
C VAL C 178 -11.25 -11.83 -12.01
N ALA C 179 -10.09 -11.16 -11.86
CA ALA C 179 -9.22 -10.90 -13.00
C ALA C 179 -8.13 -11.99 -13.01
N LYS C 180 -8.06 -12.80 -14.08
CA LYS C 180 -7.09 -13.90 -14.12
C LYS C 180 -5.97 -13.63 -15.11
N ALA C 181 -6.14 -12.62 -15.95
CA ALA C 181 -5.16 -12.29 -16.98
C ALA C 181 -5.32 -10.86 -17.43
N VAL C 182 -4.32 -10.37 -18.17
CA VAL C 182 -4.36 -9.00 -18.68
C VAL C 182 -4.12 -8.97 -20.18
N ASP C 183 -4.73 -7.97 -20.81
CA ASP C 183 -4.61 -7.67 -22.23
C ASP C 183 -3.88 -6.35 -22.31
N PHE C 184 -2.85 -6.28 -23.16
CA PHE C 184 -2.06 -5.06 -23.24
C PHE C 184 -1.63 -4.75 -24.66
N ILE C 185 -1.31 -3.48 -24.89
CA ILE C 185 -0.82 -3.01 -26.20
C ILE C 185 0.71 -3.23 -26.18
N PRO C 186 1.27 -4.12 -27.03
CA PRO C 186 2.74 -4.35 -26.96
C PRO C 186 3.54 -3.13 -27.40
N VAL C 187 4.71 -2.95 -26.79
CA VAL C 187 5.58 -1.83 -27.12
C VAL C 187 5.90 -1.81 -28.66
N GLU C 188 6.00 -2.98 -29.29
CA GLU C 188 6.27 -3.06 -30.75
C GLU C 188 5.16 -2.37 -31.55
N SER C 189 3.92 -2.43 -31.05
CA SER C 189 2.76 -1.80 -31.66
C SER C 189 2.83 -0.28 -31.47
N LEU C 190 3.29 0.19 -30.26
CA LEU C 190 3.51 1.62 -30.03
C LEU C 190 4.56 2.15 -31.03
N GLU C 191 5.64 1.39 -31.24
CA GLU C 191 6.72 1.77 -32.15
C GLU C 191 6.23 1.82 -33.59
N THR C 192 5.38 0.85 -34.00
CA THR C 192 4.79 0.87 -35.35
C THR C 192 3.97 2.15 -35.54
N THR C 193 3.18 2.54 -34.51
CA THR C 193 2.41 3.78 -34.53
C THR C 193 3.34 5.01 -34.72
N MET C 194 4.45 5.07 -33.95
CA MET C 194 5.41 6.20 -34.04
C MET C 194 6.08 6.27 -35.42
N ARG C 195 6.35 5.11 -36.00
CA ARG C 195 7.09 5.03 -37.27
C ARG C 195 6.20 5.18 -38.48
N SER C 196 4.87 5.31 -38.27
CA SER C 196 3.91 5.43 -39.36
C SER C 196 3.67 6.83 -39.84
N PRO C 197 3.87 7.05 -41.19
CA PRO C 197 3.61 8.38 -41.75
C PRO C 197 2.20 8.45 -42.35
N ALA C 198 1.42 7.35 -42.25
CA ALA C 198 0.05 7.26 -42.78
C ALA C 198 -0.93 8.18 -42.04
N SER C 205 -18.78 5.28 -40.66
CA SER C 205 -19.41 5.96 -39.52
C SER C 205 -20.81 5.39 -39.19
N LEU C 206 -21.14 4.16 -39.68
CA LEU C 206 -22.43 3.43 -39.57
C LEU C 206 -23.58 4.23 -40.15
N ARG C 207 -24.46 3.57 -40.93
CA ARG C 207 -25.56 4.31 -41.55
C ARG C 207 -26.91 3.58 -41.54
N PRO C 208 -28.05 4.31 -41.68
CA PRO C 208 -29.36 3.64 -41.72
C PRO C 208 -29.45 2.68 -42.89
N HIS C 209 -30.04 1.50 -42.69
CA HIS C 209 -30.15 0.50 -43.76
C HIS C 209 -31.41 -0.32 -43.54
N SER C 210 -32.14 -0.60 -44.65
CA SER C 210 -33.33 -1.44 -44.61
C SER C 210 -33.03 -2.72 -45.36
N SER C 211 -33.38 -3.87 -44.75
CA SER C 211 -33.25 -5.16 -45.41
C SER C 211 -34.47 -5.37 -46.33
N THR C 212 -34.58 -6.59 -46.89
CA THR C 212 -35.69 -6.96 -47.79
C THR C 212 -36.91 -7.38 -47.02
N THR C 213 -36.81 -7.49 -45.65
CA THR C 213 -37.95 -7.90 -44.83
C THR C 213 -39.17 -6.95 -45.04
N THR C 214 -40.38 -7.52 -45.07
CA THR C 214 -41.61 -6.72 -45.27
C THR C 214 -41.80 -5.80 -44.05
N THR C 215 -42.24 -4.54 -44.30
CA THR C 215 -42.45 -3.52 -43.26
C THR C 215 -43.39 -4.01 -42.13
N THR C 216 -44.56 -4.57 -42.51
CA THR C 216 -45.52 -5.13 -41.55
C THR C 216 -45.81 -6.60 -41.94
N THR C 217 -45.73 -7.51 -40.95
CA THR C 217 -45.99 -8.94 -41.13
C THR C 217 -47.38 -9.31 -40.60
C Z1B D . -9.17 -21.25 16.14
C1 Z1B D . -10.23 -20.85 15.14
N Z1B D . -9.44 -20.65 13.92
C2 Z1B D . -8.17 -21.41 13.96
C3 Z1B D . -8.24 -22.13 15.32
C4 Z1B D . -8.07 -22.41 12.80
O Z1B D . -9.06 -23.06 12.45
N1 Z1B D . -6.88 -22.51 12.19
C5 Z1B D . -6.78 -23.37 11.01
C6 Z1B D . -6.36 -22.56 9.79
C7 Z1B D . -7.59 -21.72 9.28
F Z1B D . -8.55 -22.57 8.84
F1 Z1B D . -7.22 -21.07 8.16
C8 Z1B D . -5.92 -24.63 11.20
O1 Z1B D . -5.14 -25.02 10.33
N2 Z1B D . -6.06 -25.34 12.42
S Z1B D . -7.27 -26.44 12.65
O2 Z1B D . -7.97 -26.09 13.84
O3 Z1B D . -7.99 -26.54 11.42
C9 Z1B D . -6.43 -27.95 12.93
C10 Z1B D . -5.05 -28.08 12.42
C11 Z1B D . -6.14 -28.83 11.78
C12 Z1B D . -9.76 -19.93 12.84
C13 Z1B D . -11.11 -19.21 12.79
N3 Z1B D . -10.87 -17.79 12.59
C14 Z1B D . -10.74 -16.98 13.65
O4 Z1B D . -10.48 -15.72 13.22
C15 Z1B D . -10.28 -14.57 14.15
C16 Z1B D . -11.51 -14.35 15.01
C17 Z1B D . -9.03 -14.81 15.00
C18 Z1B D . -10.07 -13.40 13.22
O5 Z1B D . -10.85 -17.33 14.81
C19 Z1B D . -12.11 -19.82 11.76
C20 Z1B D . -12.32 -21.31 12.07
C21 Z1B D . -11.56 -19.69 10.33
C22 Z1B D . -13.46 -19.10 11.85
O6 Z1B D . -8.99 -19.84 11.89
O7 Z1B D . -8.52 -20.00 16.51
C23 Z1B D . -7.92 -19.90 17.74
C24 Z1B D . -7.35 -18.63 18.04
C25 Z1B D . -7.38 -17.52 17.15
C26 Z1B D . -6.81 -16.33 17.51
C27 Z1B D . -6.20 -16.20 18.75
C28 Z1B D . -6.14 -17.24 19.65
C29 Z1B D . -6.73 -18.49 19.30
N4 Z1B D . -6.66 -19.51 20.20
C30 Z1B D . -7.20 -20.69 19.88
C31 Z1B D . -7.84 -20.93 18.66
C32 Z1B D . -7.04 -21.77 20.87
C33 Z1B D . -5.91 -21.81 21.70
C34 Z1B D . -5.74 -22.85 22.61
C35 Z1B D . -6.69 -23.85 22.73
C36 Z1B D . -7.81 -23.82 21.91
C37 Z1B D . -7.98 -22.79 20.99
O8 Z1B D . -5.68 -14.95 18.98
C38 Z1B D . -5.03 -14.69 20.22
ZN ZN E . 12.45 -9.23 6.24
CL CL F . 14.83 -9.41 6.70
C ACT G . 0.43 -13.06 20.14
O ACT G . 0.75 -13.78 19.19
OXT ACT G . 1.26 -12.33 20.75
CH3 ACT G . -1.07 -13.10 20.58
C ACT H . 12.60 -31.36 18.03
O ACT H . 12.10 -30.24 17.80
OXT ACT H . 13.25 -31.66 19.08
CH3 ACT H . 12.43 -32.45 16.92
C Z1B I . -14.80 23.03 14.37
C1 Z1B I . -15.85 23.40 13.34
N Z1B I . -15.03 23.52 12.11
C2 Z1B I . -13.78 22.76 12.21
C3 Z1B I . -13.87 22.10 13.61
C4 Z1B I . -13.67 21.72 11.08
O Z1B I . -14.65 21.04 10.77
N1 Z1B I . -12.49 21.59 10.47
C5 Z1B I . -12.37 20.70 9.31
C6 Z1B I . -11.93 21.48 8.08
C7 Z1B I . -13.13 22.29 7.49
F Z1B I . -14.09 21.43 7.07
F1 Z1B I . -12.74 22.91 6.36
C8 Z1B I . -11.53 19.44 9.56
O1 Z1B I . -10.76 19.00 8.69
N2 Z1B I . -11.67 18.79 10.82
S Z1B I . -12.89 17.73 11.10
O2 Z1B I . -12.63 17.18 12.40
O3 Z1B I . -14.14 18.38 10.87
C9 Z1B I . -12.66 16.48 9.89
C10 Z1B I . -13.35 15.19 10.06
C11 Z1B I . -11.89 15.29 10.25
C12 Z1B I . -15.34 24.19 10.99
C13 Z1B I . -16.69 24.90 10.87
N3 Z1B I . -16.43 26.31 10.64
C14 Z1B I . -16.34 27.15 11.69
O4 Z1B I . -16.11 28.41 11.23
C15 Z1B I . -15.90 29.56 12.15
C16 Z1B I . -17.14 29.79 12.99
C17 Z1B I . -14.68 29.36 13.01
C18 Z1B I . -15.71 30.72 11.19
O5 Z1B I . -16.45 26.82 12.84
C19 Z1B I . -17.64 24.25 9.82
C20 Z1B I . -17.86 22.77 10.18
C21 Z1B I . -17.06 24.33 8.41
C22 Z1B I . -19.00 24.95 9.82
O6 Z1B I . -14.56 24.26 10.05
O7 Z1B I . -14.12 24.30 14.70
C23 Z1B I . -13.52 24.43 15.95
C24 Z1B I . -12.93 25.70 16.19
C25 Z1B I . -12.95 26.80 15.27
C26 Z1B I . -12.37 27.99 15.59
C27 Z1B I . -11.74 28.15 16.84
C28 Z1B I . -11.70 27.14 17.76
C29 Z1B I . -12.30 25.89 17.46
N4 Z1B I . -12.24 24.90 18.39
C30 Z1B I . -12.80 23.72 18.12
C31 Z1B I . -13.46 23.43 16.90
C32 Z1B I . -12.68 22.68 19.16
C33 Z1B I . -11.56 22.66 20.02
C34 Z1B I . -11.41 21.66 20.98
C35 Z1B I . -12.38 20.67 21.10
C36 Z1B I . -13.49 20.68 20.26
C37 Z1B I . -13.65 21.68 19.31
O8 Z1B I . -11.21 29.40 17.04
C38 Z1B I . -10.55 29.66 18.29
ZN ZN J . 7.01 34.42 4.38
CL CL K . 9.26 34.23 4.87
C ACT L . -5.59 31.43 18.04
O ACT L . -5.96 31.84 16.90
OXT ACT L . -4.40 31.31 18.43
CH3 ACT L . -6.70 31.07 19.04
C Z1B M . -12.77 -1.82 -22.27
C1 Z1B M . -13.34 -2.89 -21.34
N Z1B M . -12.20 -3.13 -20.43
C2 Z1B M . -11.29 -1.98 -20.37
C3 Z1B M . -11.94 -0.96 -21.33
C4 Z1B M . -11.24 -1.44 -18.94
O Z1B M . -12.27 -1.34 -18.28
N1 Z1B M . -10.04 -1.10 -18.45
C5 Z1B M . -9.90 -0.69 -17.05
C6 Z1B M . -8.97 -1.65 -16.32
C7 Z1B M . -9.68 -3.01 -16.03
F Z1B M . -10.67 -2.83 -15.14
F1 Z1B M . -8.82 -3.82 -15.38
C8 Z1B M . -9.49 0.77 -16.85
O1 Z1B M . -8.65 1.09 -15.99
N2 Z1B M . -10.09 1.77 -17.68
S Z1B M . -10.54 3.26 -17.14
O2 Z1B M . -9.43 3.82 -16.44
O3 Z1B M . -11.07 3.94 -18.27
C9 Z1B M . -11.83 2.93 -16.01
C10 Z1B M . -13.15 3.54 -16.23
C11 Z1B M . -12.30 4.02 -15.14
C12 Z1B M . -11.97 -4.23 -19.68
C13 Z1B M . -12.99 -5.38 -19.71
N3 Z1B M . -12.30 -6.58 -20.16
C14 Z1B M . -12.24 -6.90 -21.47
O4 Z1B M . -11.55 -8.04 -21.63
C15 Z1B M . -11.18 -8.57 -22.98
C16 Z1B M . -12.44 -8.96 -23.73
C17 Z1B M . -10.36 -7.58 -23.80
C18 Z1B M . -10.35 -9.78 -22.63
O5 Z1B M . -12.75 -6.23 -22.35
C19 Z1B M . -13.75 -5.56 -18.36
C20 Z1B M . -14.41 -4.24 -17.99
C21 Z1B M . -12.83 -5.99 -17.21
C22 Z1B M . -14.84 -6.62 -18.52
O6 Z1B M . -10.97 -4.33 -18.99
O7 Z1B M . -11.86 -2.53 -23.18
C23 Z1B M . -11.62 -1.95 -24.43
C24 Z1B M . -10.78 -2.71 -25.28
C25 Z1B M . -10.21 -3.97 -24.95
C26 Z1B M . -9.41 -4.64 -25.82
C27 Z1B M . -9.15 -4.08 -27.09
C28 Z1B M . -9.68 -2.88 -27.47
C29 Z1B M . -10.51 -2.16 -26.56
N4 Z1B M . -11.01 -0.96 -26.96
C30 Z1B M . -11.79 -0.28 -26.11
C31 Z1B M . -12.12 -0.74 -24.84
C32 Z1B M . -12.27 1.05 -26.58
C33 Z1B M . -11.51 1.81 -27.49
C34 Z1B M . -11.95 3.07 -27.89
C35 Z1B M . -13.14 3.57 -27.40
C36 Z1B M . -13.90 2.84 -26.50
C37 Z1B M . -13.47 1.59 -26.10
O8 Z1B M . -8.35 -4.88 -27.88
C38 Z1B M . -8.02 -4.42 -29.19
ZN ZN N . 13.27 -6.80 -20.90
CL CL O . 15.17 -5.59 -21.55
C ACT P . -10.14 -13.34 -6.90
O ACT P . -9.39 -12.48 -7.14
OXT ACT P . -9.92 -14.62 -6.96
CH3 ACT P . -11.48 -12.78 -6.45
C ACT Q . -1.91 3.97 -2.81
O ACT Q . -2.54 4.71 -3.62
OXT ACT Q . -0.67 4.01 -2.63
CH3 ACT Q . -2.71 2.97 -1.95
C ACT R . -2.68 -4.14 -30.50
O ACT R . -1.75 -3.48 -31.04
OXT ACT R . -2.52 -5.13 -29.71
CH3 ACT R . -4.13 -3.76 -30.83
#